data_8XH7
#
_entry.id   8XH7
#
_cell.length_a   1.00
_cell.length_b   1.00
_cell.length_c   1.00
_cell.angle_alpha   90.00
_cell.angle_beta   90.00
_cell.angle_gamma   90.00
#
_symmetry.space_group_name_H-M   'P 1'
#
_entity_poly.entity_id   1
_entity_poly.type   'polypeptide(L)'
_entity_poly.pdbx_seq_one_letter_code
;SIGLALLLLLLALLFWLYIVMSNWTGGALLVLYSFALMLIIIILIIFIFRRDLLCPLGGLGLLLLMITLLLIALWNLHGQ
ALYLGIVLFIFGCLLVLGLWIYFLEILWRLGATIWQLLAFILAFFLAIILLIIALYLQQNWWTLLVDLLWLLLFMAILIW
MY
;
_entity_poly.pdbx_strand_id   C,E,F,A,B,D
#
# COMPACT_ATOMS: atom_id res chain seq x y z
N SER A 1 6.54 18.79 -8.72
CA SER A 1 6.76 18.11 -7.45
C SER A 1 5.57 18.26 -6.52
N ILE A 2 5.30 19.51 -6.13
CA ILE A 2 4.17 19.79 -5.24
C ILE A 2 2.85 19.49 -5.94
N GLY A 3 2.70 19.94 -7.20
CA GLY A 3 1.47 19.70 -7.91
C GLY A 3 1.17 18.23 -8.10
N LEU A 4 2.19 17.44 -8.45
CA LEU A 4 2.01 16.00 -8.58
C LEU A 4 1.61 15.37 -7.26
N ALA A 5 2.23 15.80 -6.16
CA ALA A 5 1.92 15.23 -4.86
C ALA A 5 0.49 15.55 -4.45
N LEU A 6 0.03 16.79 -4.68
CA LEU A 6 -1.35 17.13 -4.39
C LEU A 6 -2.32 16.37 -5.28
N LEU A 7 -1.97 16.16 -6.56
CA LEU A 7 -2.84 15.37 -7.43
C LEU A 7 -2.94 13.93 -6.94
N LEU A 8 -1.82 13.35 -6.53
CA LEU A 8 -1.85 11.99 -5.98
C LEU A 8 -2.66 11.94 -4.70
N LEU A 9 -2.55 12.97 -3.85
CA LEU A 9 -3.34 13.01 -2.63
C LEU A 9 -4.83 13.11 -2.95
N LEU A 10 -5.19 13.90 -3.96
CA LEU A 10 -6.59 13.98 -4.37
C LEU A 10 -7.09 12.62 -4.85
N LEU A 11 -6.28 11.93 -5.64
CA LEU A 11 -6.73 10.59 -6.08
C LEU A 11 -6.89 9.68 -4.86
N ALA A 12 -5.92 9.71 -3.97
CA ALA A 12 -5.97 8.82 -2.81
C ALA A 12 -7.22 9.08 -1.98
N LEU A 13 -7.54 10.36 -1.73
CA LEU A 13 -8.72 10.69 -0.96
C LEU A 13 -9.99 10.28 -1.69
N LEU A 14 -10.03 10.49 -3.01
CA LEU A 14 -11.21 10.10 -3.78
C LEU A 14 -11.43 8.59 -3.74
N PHE A 15 -10.36 7.83 -3.98
CA PHE A 15 -10.46 6.37 -3.94
C PHE A 15 -10.87 5.89 -2.55
N TRP A 16 -10.29 6.51 -1.52
CA TRP A 16 -10.63 6.11 -0.13
C TRP A 16 -12.11 6.36 0.14
N LEU A 17 -12.61 7.55 -0.17
CA LEU A 17 -14.02 7.86 0.20
C LEU A 17 -14.96 6.97 -0.62
N TYR A 18 -14.69 6.81 -1.90
CA TYR A 18 -15.53 5.90 -2.69
C TYR A 18 -15.56 4.50 -2.08
N ILE A 19 -14.38 3.99 -1.69
CA ILE A 19 -14.29 2.61 -1.14
C ILE A 19 -15.12 2.55 0.15
N VAL A 20 -15.08 3.63 0.93
CA VAL A 20 -15.86 3.68 2.16
C VAL A 20 -17.36 3.62 1.87
N MET A 21 -17.79 4.31 0.80
CA MET A 21 -19.24 4.34 0.47
C MET A 21 -19.61 3.18 -0.45
N SER A 22 -18.65 2.29 -0.77
CA SER A 22 -18.98 1.13 -1.58
C SER A 22 -19.49 -0.01 -0.70
N ASN A 23 -20.50 -0.72 -1.21
CA ASN A 23 -21.00 -1.96 -0.60
C ASN A 23 -21.45 -1.73 0.84
N TRP A 24 -22.54 -0.97 0.96
CA TRP A 24 -23.18 -0.76 2.26
C TRP A 24 -23.50 -2.11 2.91
N THR A 25 -23.30 -2.18 4.23
CA THR A 25 -23.42 -3.43 4.98
C THR A 25 -22.52 -4.52 4.39
N GLY A 26 -21.31 -4.12 4.01
CA GLY A 26 -20.36 -5.03 3.41
C GLY A 26 -19.60 -5.82 4.45
N GLY A 27 -18.60 -6.56 3.98
CA GLY A 27 -17.81 -7.41 4.83
C GLY A 27 -16.82 -6.63 5.67
N ALA A 28 -16.09 -7.37 6.51
CA ALA A 28 -15.08 -6.77 7.38
C ALA A 28 -13.82 -6.35 6.64
N LEU A 29 -13.67 -6.86 5.42
CA LEU A 29 -12.45 -6.60 4.62
C LEU A 29 -12.49 -5.12 4.17
N LEU A 30 -13.67 -4.50 4.11
CA LEU A 30 -13.82 -3.08 3.66
C LEU A 30 -13.02 -2.17 4.60
N VAL A 31 -13.13 -2.36 5.91
CA VAL A 31 -12.42 -1.54 6.87
C VAL A 31 -10.92 -1.59 6.61
N LEU A 32 -10.41 -2.78 6.31
CA LEU A 32 -8.99 -2.91 6.02
C LEU A 32 -8.60 -2.18 4.73
N TYR A 33 -9.46 -2.24 3.71
CA TYR A 33 -9.18 -1.51 2.48
C TYR A 33 -9.12 0.00 2.75
N SER A 34 -10.11 0.51 3.48
CA SER A 34 -10.15 1.96 3.78
C SER A 34 -8.94 2.37 4.63
N PHE A 35 -8.57 1.55 5.61
CA PHE A 35 -7.40 1.85 6.43
C PHE A 35 -6.13 1.86 5.60
N ALA A 36 -5.97 0.88 4.70
CA ALA A 36 -4.80 0.89 3.83
C ALA A 36 -4.79 2.12 2.94
N LEU A 37 -5.97 2.56 2.49
CA LEU A 37 -6.02 3.74 1.58
C LEU A 37 -5.52 4.96 2.34
N MET A 38 -5.94 5.07 3.61
CA MET A 38 -5.52 6.19 4.48
C MET A 38 -4.03 6.05 4.76
N LEU A 39 -3.52 4.83 4.87
CA LEU A 39 -2.07 4.70 5.12
C LEU A 39 -1.33 5.25 3.89
N ILE A 40 -1.85 4.99 2.70
CA ILE A 40 -1.21 5.60 1.49
C ILE A 40 -1.36 7.11 1.63
N ILE A 41 -2.53 7.61 2.04
CA ILE A 41 -2.75 9.08 2.12
C ILE A 41 -1.75 9.67 3.12
N ILE A 42 -1.57 9.03 4.28
CA ILE A 42 -0.66 9.55 5.30
C ILE A 42 0.77 9.52 4.80
N ILE A 43 1.14 8.47 4.06
CA ILE A 43 2.46 8.46 3.44
C ILE A 43 2.63 9.67 2.53
N LEU A 44 1.59 9.96 1.73
CA LEU A 44 1.66 11.11 0.83
C LEU A 44 1.76 12.41 1.61
N ILE A 45 0.99 12.56 2.69
CA ILE A 45 1.02 13.79 3.48
C ILE A 45 2.40 14.00 4.10
N ILE A 46 3.00 12.94 4.65
CA ILE A 46 4.38 13.08 5.22
C ILE A 46 5.35 13.41 4.09
N PHE A 47 5.11 12.87 2.90
CA PHE A 47 5.96 13.23 1.77
C PHE A 47 5.85 14.71 1.45
N ILE A 48 4.65 15.27 1.50
CA ILE A 48 4.44 16.66 1.10
C ILE A 48 5.04 17.61 2.13
N PHE A 49 4.71 17.40 3.40
CA PHE A 49 5.12 18.30 4.49
C PHE A 49 6.17 17.63 5.35
N ARG A 50 7.26 18.36 5.62
CA ARG A 50 8.38 17.88 6.42
C ARG A 50 8.97 16.61 5.79
N ARG A 51 9.54 16.81 4.60
CA ARG A 51 10.13 15.72 3.84
C ARG A 51 11.22 14.99 4.62
N ASP A 52 11.89 15.69 5.54
CA ASP A 52 12.97 15.09 6.31
C ASP A 52 12.47 14.02 7.27
N LEU A 53 11.16 14.00 7.57
CA LEU A 53 10.59 13.05 8.50
C LEU A 53 10.07 11.79 7.81
N LEU A 54 10.43 11.57 6.54
CA LEU A 54 9.95 10.42 5.81
C LEU A 54 10.51 9.11 6.35
N CYS A 55 11.62 9.15 7.12
CA CYS A 55 12.19 7.90 7.61
C CYS A 55 11.38 7.30 8.75
N PRO A 56 11.17 7.99 9.89
CA PRO A 56 10.40 7.37 10.97
C PRO A 56 8.92 7.22 10.65
N LEU A 57 8.26 8.32 10.26
CA LEU A 57 6.79 8.25 10.06
C LEU A 57 6.46 7.54 8.75
N GLY A 58 7.25 7.78 7.69
CA GLY A 58 7.01 7.02 6.47
C GLY A 58 7.22 5.54 6.67
N GLY A 59 8.27 5.17 7.42
CA GLY A 59 8.47 3.78 7.76
C GLY A 59 7.32 3.20 8.56
N LEU A 60 6.80 3.98 9.52
CA LEU A 60 5.66 3.53 10.32
C LEU A 60 4.44 3.31 9.43
N GLY A 61 4.15 4.27 8.54
CA GLY A 61 2.99 4.13 7.69
C GLY A 61 3.10 2.96 6.73
N LEU A 62 4.27 2.78 6.12
CA LEU A 62 4.49 1.66 5.16
C LEU A 62 4.43 0.33 5.92
N LEU A 63 4.93 0.29 7.15
CA LEU A 63 4.83 -0.92 7.95
C LEU A 63 3.39 -1.27 8.28
N LEU A 64 2.58 -0.27 8.66
CA LEU A 64 1.17 -0.51 8.87
C LEU A 64 0.49 -0.97 7.59
N LEU A 65 0.92 -0.43 6.44
CA LEU A 65 0.36 -0.85 5.16
C LEU A 65 0.65 -2.33 4.90
N MET A 66 1.89 -2.76 5.14
CA MET A 66 2.22 -4.19 4.95
C MET A 66 1.38 -5.03 5.93
N ILE A 67 1.26 -4.57 7.18
CA ILE A 67 0.48 -5.32 8.20
C ILE A 67 -0.95 -5.48 7.68
N THR A 68 -1.55 -4.42 7.13
CA THR A 68 -2.96 -4.50 6.67
C THR A 68 -3.04 -5.47 5.48
N LEU A 69 -2.09 -5.38 4.54
CA LEU A 69 -2.11 -6.32 3.42
C LEU A 69 -2.00 -7.76 3.90
N LEU A 70 -1.16 -8.00 4.90
CA LEU A 70 -1.04 -9.35 5.46
C LEU A 70 -2.35 -9.80 6.08
N LEU A 71 -3.01 -8.90 6.82
CA LEU A 71 -4.29 -9.25 7.43
C LEU A 71 -5.34 -9.58 6.37
N ILE A 72 -5.37 -8.77 5.30
CA ILE A 72 -6.34 -9.05 4.19
C ILE A 72 -6.01 -10.44 3.63
N ALA A 73 -4.73 -10.74 3.39
CA ALA A 73 -4.37 -12.01 2.77
C ALA A 73 -4.75 -13.20 3.65
N LEU A 74 -4.47 -13.10 4.97
CA LEU A 74 -4.71 -14.27 5.88
C LEU A 74 -6.15 -14.31 6.41
N TRP A 75 -6.97 -13.29 6.13
CA TRP A 75 -8.30 -13.24 6.74
C TRP A 75 -9.09 -14.52 6.45
N ASN A 76 -9.05 -15.01 5.22
CA ASN A 76 -9.90 -16.13 4.80
C ASN A 76 -9.22 -17.48 4.94
N LEU A 77 -7.96 -17.52 5.34
CA LEU A 77 -7.24 -18.79 5.47
C LEU A 77 -7.76 -19.57 6.67
N HIS A 78 -7.90 -20.88 6.49
CA HIS A 78 -8.48 -21.74 7.52
C HIS A 78 -7.64 -23.00 7.70
N GLY A 79 -6.32 -22.83 7.81
CA GLY A 79 -5.44 -23.96 8.01
C GLY A 79 -4.14 -23.57 8.69
N GLN A 80 -3.09 -24.39 8.51
CA GLN A 80 -1.79 -24.02 9.06
C GLN A 80 -1.25 -22.74 8.44
N ALA A 81 -1.69 -22.42 7.22
CA ALA A 81 -1.31 -21.15 6.61
C ALA A 81 -1.83 -19.98 7.44
N LEU A 82 -3.03 -20.11 8.01
CA LEU A 82 -3.55 -19.06 8.88
C LEU A 82 -2.67 -18.87 10.10
N TYR A 83 -2.24 -19.96 10.74
CA TYR A 83 -1.38 -19.85 11.91
C TYR A 83 -0.04 -19.23 11.55
N LEU A 84 0.52 -19.63 10.40
CA LEU A 84 1.81 -19.08 9.98
C LEU A 84 1.69 -17.58 9.69
N GLY A 85 0.61 -17.18 9.01
CA GLY A 85 0.37 -15.76 8.80
C GLY A 85 0.15 -15.01 10.10
N ILE A 86 -0.48 -15.66 11.08
CA ILE A 86 -0.63 -15.05 12.40
C ILE A 86 0.73 -14.81 13.02
N VAL A 87 1.66 -15.76 12.84
CA VAL A 87 3.01 -15.63 13.45
C VAL A 87 3.77 -14.51 12.73
N LEU A 88 3.58 -14.35 11.41
CA LEU A 88 4.20 -13.25 10.69
C LEU A 88 3.61 -11.91 11.11
N PHE A 89 2.29 -11.87 11.32
CA PHE A 89 1.65 -10.65 11.78
C PHE A 89 2.09 -10.28 13.19
N ILE A 90 2.38 -11.31 14.00
CA ILE A 90 2.89 -11.06 15.37
C ILE A 90 4.27 -10.42 15.24
N PHE A 91 5.12 -10.95 14.35
CA PHE A 91 6.44 -10.36 14.15
C PHE A 91 6.32 -8.91 13.69
N GLY A 92 5.41 -8.64 12.76
CA GLY A 92 5.20 -7.27 12.32
C GLY A 92 4.71 -6.37 13.44
N CYS A 93 3.84 -6.89 14.30
CA CYS A 93 3.32 -6.11 15.41
C CYS A 93 4.43 -5.78 16.42
N LEU A 94 5.25 -6.77 16.76
CA LEU A 94 6.37 -6.49 17.65
C LEU A 94 7.31 -5.46 17.05
N LEU A 95 7.57 -5.55 15.74
CA LEU A 95 8.52 -4.61 15.15
C LEU A 95 7.92 -3.21 15.02
N VAL A 96 6.59 -3.14 14.84
CA VAL A 96 5.90 -1.81 14.78
C VAL A 96 5.96 -1.17 16.17
N LEU A 97 5.80 -1.99 17.22
CA LEU A 97 5.90 -1.46 18.61
C LEU A 97 7.34 -0.98 18.80
N GLY A 98 8.32 -1.73 18.29
CA GLY A 98 9.71 -1.29 18.42
C GLY A 98 9.98 0.02 17.72
N LEU A 99 9.45 0.19 16.50
CA LEU A 99 9.62 1.45 15.79
C LEU A 99 8.92 2.59 16.49
N TRP A 100 7.73 2.34 17.06
CA TRP A 100 7.04 3.37 17.82
C TRP A 100 7.83 3.77 19.06
N ILE A 101 8.45 2.78 19.72
CA ILE A 101 9.30 3.08 20.88
C ILE A 101 10.50 3.93 20.45
N TYR A 102 11.10 3.61 19.30
CA TYR A 102 12.22 4.38 18.80
C TYR A 102 11.80 5.82 18.51
N PHE A 103 10.65 5.99 17.84
CA PHE A 103 10.16 7.33 17.54
C PHE A 103 9.84 8.10 18.81
N LEU A 104 9.29 7.41 19.80
CA LEU A 104 8.95 8.05 21.10
C LEU A 104 10.25 8.49 21.79
N GLU A 105 11.30 7.66 21.71
CA GLU A 105 12.58 8.02 22.32
C GLU A 105 13.20 9.22 21.62
N ILE A 106 13.08 9.30 20.29
CA ILE A 106 13.56 10.48 19.57
C ILE A 106 12.78 11.72 20.02
N LEU A 107 11.46 11.59 20.15
CA LEU A 107 10.66 12.73 20.60
C LEU A 107 11.05 13.16 22.01
N TRP A 108 11.30 12.21 22.91
CA TRP A 108 11.73 12.55 24.26
C TRP A 108 13.09 13.22 24.26
N ARG A 109 14.01 12.75 23.39
CA ARG A 109 15.31 13.39 23.25
C ARG A 109 15.16 14.81 22.72
N LEU A 110 14.13 15.06 21.90
CA LEU A 110 13.89 16.43 21.43
C LEU A 110 13.56 17.36 22.60
N GLY A 111 12.94 16.83 23.66
CA GLY A 111 12.69 17.62 24.85
C GLY A 111 11.23 17.79 25.21
N ALA A 112 10.40 16.83 24.81
CA ALA A 112 8.98 16.88 25.15
C ALA A 112 8.76 16.42 26.59
N THR A 113 7.69 16.92 27.19
CA THR A 113 7.37 16.56 28.56
C THR A 113 6.85 15.13 28.63
N ILE A 114 6.87 14.58 29.85
CA ILE A 114 6.37 13.22 30.05
C ILE A 114 4.86 13.15 29.82
N TRP A 115 4.15 14.24 30.10
CA TRP A 115 2.71 14.25 29.87
C TRP A 115 2.40 14.10 28.38
N GLN A 116 3.16 14.77 27.52
CA GLN A 116 2.96 14.61 26.09
C GLN A 116 3.29 13.19 25.63
N LEU A 117 4.33 12.61 26.24
CA LEU A 117 4.73 11.21 25.90
C LEU A 117 3.56 10.28 26.24
N LEU A 118 2.99 10.41 27.44
CA LEU A 118 1.86 9.57 27.86
C LEU A 118 0.65 9.82 26.99
N ALA A 119 0.41 11.08 26.62
CA ALA A 119 -0.72 11.40 25.75
C ALA A 119 -0.57 10.73 24.39
N PHE A 120 0.65 10.74 23.83
CA PHE A 120 0.86 10.09 22.55
C PHE A 120 0.70 8.58 22.64
N ILE A 121 1.20 7.99 23.72
CA ILE A 121 1.05 6.51 23.92
C ILE A 121 -0.45 6.20 23.98
N LEU A 122 -1.20 6.92 24.81
CA LEU A 122 -2.64 6.67 24.94
C LEU A 122 -3.35 6.91 23.63
N ALA A 123 -2.95 7.94 22.87
CA ALA A 123 -3.59 8.20 21.59
C ALA A 123 -3.36 7.06 20.61
N PHE A 124 -2.13 6.55 20.52
CA PHE A 124 -1.85 5.45 19.60
C PHE A 124 -2.58 4.18 20.00
N PHE A 125 -2.57 3.84 21.29
CA PHE A 125 -3.27 2.63 21.72
C PHE A 125 -4.78 2.78 21.59
N LEU A 126 -5.31 3.98 21.81
CA LEU A 126 -6.72 4.23 21.57
C LEU A 126 -7.05 4.10 20.10
N ALA A 127 -6.15 4.53 19.22
CA ALA A 127 -6.37 4.35 17.79
C ALA A 127 -6.37 2.88 17.41
N ILE A 128 -5.49 2.09 18.02
CA ILE A 128 -5.46 0.65 17.73
C ILE A 128 -6.75 0.00 18.20
N ILE A 129 -7.20 0.33 19.41
CA ILE A 129 -8.45 -0.22 19.93
C ILE A 129 -9.62 0.24 19.05
N LEU A 130 -9.56 1.47 18.57
CA LEU A 130 -10.65 1.94 17.69
C LEU A 130 -10.67 1.09 16.43
N LEU A 131 -9.50 0.91 15.82
CA LEU A 131 -9.48 0.11 14.61
C LEU A 131 -9.99 -1.30 14.87
N ILE A 132 -9.68 -1.86 16.03
CA ILE A 132 -10.22 -3.18 16.38
C ILE A 132 -11.74 -3.14 16.42
N ILE A 133 -12.29 -2.09 17.05
CA ILE A 133 -13.75 -1.93 17.09
C ILE A 133 -14.31 -1.76 15.69
N ALA A 134 -13.61 -1.03 14.83
CA ALA A 134 -14.06 -0.86 13.45
C ALA A 134 -14.07 -2.19 12.71
N LEU A 135 -13.07 -3.04 12.95
CA LEU A 135 -13.08 -4.38 12.36
C LEU A 135 -14.25 -5.19 12.86
N TYR A 136 -14.55 -5.11 14.16
CA TYR A 136 -15.66 -5.87 14.71
C TYR A 136 -17.00 -5.38 14.16
N LEU A 137 -17.16 -4.07 13.98
CA LEU A 137 -18.40 -3.49 13.47
C LEU A 137 -18.22 -3.17 11.98
N GLN A 138 -18.80 -4.01 11.13
CA GLN A 138 -18.65 -3.83 9.69
C GLN A 138 -19.32 -2.55 9.18
N GLN A 139 -19.92 -1.77 10.09
CA GLN A 139 -20.67 -0.53 9.73
C GLN A 139 -19.74 0.54 9.15
N ASN A 140 -20.23 1.31 8.15
CA ASN A 140 -19.41 2.30 7.46
C ASN A 140 -19.36 3.64 8.19
N TRP A 141 -20.43 4.04 8.87
CA TRP A 141 -20.41 5.30 9.61
C TRP A 141 -19.34 5.31 10.69
N TRP A 142 -19.00 4.14 11.22
CA TRP A 142 -17.94 4.01 12.21
C TRP A 142 -16.58 3.86 11.58
N THR A 143 -16.49 3.21 10.42
CA THR A 143 -15.21 3.13 9.70
C THR A 143 -14.75 4.52 9.29
N LEU A 144 -15.67 5.36 8.83
CA LEU A 144 -15.34 6.75 8.53
C LEU A 144 -14.71 7.44 9.73
N LEU A 145 -15.33 7.33 10.90
CA LEU A 145 -14.82 8.00 12.09
C LEU A 145 -13.47 7.42 12.50
N VAL A 146 -13.34 6.10 12.48
CA VAL A 146 -12.08 5.46 12.95
C VAL A 146 -10.93 5.89 12.03
N ASP A 147 -11.14 5.81 10.72
CA ASP A 147 -10.08 6.16 9.79
C ASP A 147 -9.75 7.65 9.84
N LEU A 148 -10.77 8.51 9.99
CA LEU A 148 -10.50 9.93 10.09
C LEU A 148 -9.78 10.30 11.38
N LEU A 149 -10.08 9.60 12.48
CA LEU A 149 -9.34 9.84 13.72
C LEU A 149 -7.90 9.36 13.59
N TRP A 150 -7.68 8.26 12.86
CA TRP A 150 -6.31 7.86 12.54
C TRP A 150 -5.60 8.95 11.74
N LEU A 151 -6.29 9.52 10.76
CA LEU A 151 -5.72 10.60 9.96
C LEU A 151 -5.37 11.80 10.83
N LEU A 152 -6.27 12.17 11.76
CA LEU A 152 -6.00 13.28 12.67
C LEU A 152 -4.81 12.97 13.57
N LEU A 153 -4.71 11.73 14.05
CA LEU A 153 -3.59 11.35 14.90
C LEU A 153 -2.26 11.47 14.15
N PHE A 154 -2.23 11.01 12.90
CA PHE A 154 -0.99 11.09 12.14
C PHE A 154 -0.74 12.46 11.53
N MET A 155 -1.74 13.35 11.58
CA MET A 155 -1.55 14.73 11.13
C MET A 155 -1.11 15.64 12.27
N ALA A 156 -1.53 15.36 13.51
CA ALA A 156 -1.05 16.15 14.64
C ALA A 156 0.46 15.99 14.80
N ILE A 157 0.92 14.76 14.59
CA ILE A 157 2.38 14.53 14.57
C ILE A 157 2.88 15.15 13.26
N LEU A 158 4.15 15.55 13.18
CA LEU A 158 4.78 16.22 12.06
C LEU A 158 4.33 17.67 12.02
N ILE A 159 3.36 18.02 12.88
CA ILE A 159 3.05 19.41 13.18
C ILE A 159 3.57 19.80 14.56
N TRP A 160 3.66 18.86 15.49
CA TRP A 160 4.28 19.13 16.78
C TRP A 160 5.73 19.58 16.61
N MET A 161 6.46 18.96 15.69
CA MET A 161 7.83 19.36 15.40
C MET A 161 7.87 20.46 14.35
N SER B 1 -20.69 46.18 -12.91
CA SER B 1 -20.63 45.22 -11.81
C SER B 1 -21.85 45.35 -10.91
N ILE B 2 -22.26 46.59 -10.66
CA ILE B 2 -23.42 46.82 -9.80
C ILE B 2 -24.70 46.38 -10.49
N GLY B 3 -24.82 46.65 -11.79
CA GLY B 3 -26.04 46.31 -12.50
C GLY B 3 -26.30 44.81 -12.54
N LEU B 4 -25.24 44.03 -12.85
CA LEU B 4 -25.31 42.54 -12.90
C LEU B 4 -25.69 42.02 -11.51
N ALA B 5 -25.08 42.58 -10.47
CA ALA B 5 -25.31 42.11 -9.11
C ALA B 5 -26.75 42.40 -8.68
N LEU B 6 -27.25 43.60 -8.99
CA LEU B 6 -28.63 43.93 -8.66
C LEU B 6 -29.63 43.08 -9.45
N LEU B 7 -29.32 42.78 -10.72
CA LEU B 7 -30.18 41.90 -11.49
C LEU B 7 -30.22 40.50 -10.86
N LEU B 8 -29.07 40.00 -10.44
CA LEU B 8 -29.03 38.69 -9.77
C LEU B 8 -29.80 38.72 -8.46
N LEU B 9 -29.71 39.82 -7.72
CA LEU B 9 -30.47 39.93 -6.47
C LEU B 9 -31.97 39.93 -6.73
N LEU B 10 -32.42 40.66 -7.74
CA LEU B 10 -33.84 40.67 -8.08
C LEU B 10 -34.29 39.28 -8.49
N LEU B 11 -33.47 38.59 -9.30
CA LEU B 11 -33.79 37.24 -9.72
C LEU B 11 -33.88 36.31 -8.52
N ALA B 12 -32.97 36.45 -7.56
CA ALA B 12 -32.95 35.61 -6.37
C ALA B 12 -34.20 35.81 -5.53
N LEU B 13 -34.56 37.08 -5.28
CA LEU B 13 -35.77 37.34 -4.51
C LEU B 13 -37.02 36.83 -5.22
N LEU B 14 -37.08 36.99 -6.55
CA LEU B 14 -38.23 36.47 -7.29
C LEU B 14 -38.32 34.95 -7.16
N PHE B 15 -37.18 34.27 -7.34
CA PHE B 15 -37.16 32.79 -7.26
C PHE B 15 -37.59 32.36 -5.87
N TRP B 16 -37.06 32.99 -4.82
CA TRP B 16 -37.36 32.58 -3.45
C TRP B 16 -38.82 32.82 -3.10
N LEU B 17 -39.36 33.99 -3.49
CA LEU B 17 -40.77 34.24 -3.23
C LEU B 17 -41.66 33.26 -3.98
N TYR B 18 -41.25 32.88 -5.19
CA TYR B 18 -42.01 31.86 -5.92
C TYR B 18 -41.98 30.52 -5.18
N ILE B 19 -40.77 30.11 -4.77
CA ILE B 19 -40.57 28.75 -4.19
C ILE B 19 -41.21 28.59 -2.82
N VAL B 20 -41.30 29.67 -2.04
CA VAL B 20 -41.84 29.54 -0.68
C VAL B 20 -43.30 29.12 -0.73
N MET B 21 -44.12 29.92 -1.44
CA MET B 21 -45.57 29.61 -1.60
C MET B 21 -45.77 28.93 -2.94
N SER B 22 -45.01 27.86 -3.21
CA SER B 22 -45.08 27.15 -4.48
C SER B 22 -46.06 25.99 -4.46
N ASN B 23 -45.92 25.06 -3.53
CA ASN B 23 -46.79 23.90 -3.45
C ASN B 23 -47.96 24.09 -2.49
N TRP B 24 -47.74 24.79 -1.37
CA TRP B 24 -48.79 25.04 -0.34
C TRP B 24 -49.10 23.76 0.46
N THR B 25 -48.50 22.62 0.10
CA THR B 25 -48.71 21.40 0.86
C THR B 25 -47.45 20.54 0.95
N GLY B 26 -46.34 20.96 0.36
CA GLY B 26 -45.13 20.15 0.38
C GLY B 26 -44.53 20.06 1.77
N GLY B 27 -43.72 19.01 1.94
CA GLY B 27 -43.11 18.74 3.23
C GLY B 27 -41.92 19.63 3.53
N ALA B 28 -41.00 19.09 4.33
CA ALA B 28 -39.82 19.83 4.76
C ALA B 28 -38.81 20.06 3.64
N LEU B 29 -38.90 19.31 2.55
CA LEU B 29 -37.98 19.50 1.43
C LEU B 29 -38.14 20.90 0.83
N LEU B 30 -39.38 21.39 0.74
CA LEU B 30 -39.60 22.74 0.26
C LEU B 30 -38.97 23.76 1.19
N VAL B 31 -39.06 23.48 2.49
CA VAL B 31 -38.43 24.37 3.52
C VAL B 31 -36.93 24.42 3.25
N LEU B 32 -36.32 23.26 3.01
CA LEU B 32 -34.88 23.20 2.77
C LEU B 32 -34.50 23.94 1.49
N TYR B 33 -35.27 23.77 0.43
CA TYR B 33 -34.99 24.48 -0.82
C TYR B 33 -35.09 26.00 -0.62
N SER B 34 -36.13 26.44 0.07
CA SER B 34 -36.30 27.87 0.32
C SER B 34 -35.15 28.41 1.17
N PHE B 35 -34.72 27.65 2.17
CA PHE B 35 -33.59 28.09 2.99
C PHE B 35 -32.31 28.17 2.18
N ALA B 36 -32.10 27.23 1.27
CA ALA B 36 -30.91 27.29 0.41
C ALA B 36 -30.95 28.53 -0.48
N LEU B 37 -32.11 28.83 -1.04
CA LEU B 37 -32.25 30.04 -1.90
C LEU B 37 -32.05 31.30 -1.04
N MET B 38 -32.50 31.28 0.22
CA MET B 38 -32.28 32.40 1.11
C MET B 38 -30.80 32.59 1.40
N LEU B 39 -30.08 31.47 1.57
CA LEU B 39 -28.63 31.57 1.77
C LEU B 39 -27.95 32.14 0.54
N ILE B 40 -28.43 31.78 -0.65
CA ILE B 40 -27.90 32.39 -1.87
C ILE B 40 -28.14 33.90 -1.87
N ILE B 41 -29.36 34.32 -1.48
CA ILE B 41 -29.68 35.78 -1.38
C ILE B 41 -28.64 36.39 -0.44
N ILE B 42 -28.47 35.78 0.75
CA ILE B 42 -27.52 36.33 1.78
C ILE B 42 -26.15 36.52 1.12
N ILE B 43 -25.67 35.52 0.40
CA ILE B 43 -24.34 35.61 -0.22
C ILE B 43 -24.30 36.76 -1.20
N LEU B 44 -25.36 36.92 -2.00
CA LEU B 44 -25.43 38.05 -2.92
C LEU B 44 -25.42 39.38 -2.16
N ILE B 45 -26.15 39.46 -1.05
CA ILE B 45 -26.18 40.68 -0.26
C ILE B 45 -24.79 41.03 0.24
N ILE B 46 -24.04 40.06 0.76
CA ILE B 46 -22.67 40.42 1.19
C ILE B 46 -21.88 40.87 -0.03
N PHE B 47 -21.98 40.13 -1.13
CA PHE B 47 -21.13 40.48 -2.27
C PHE B 47 -21.44 41.87 -2.81
N ILE B 48 -22.66 42.37 -2.60
CA ILE B 48 -23.03 43.67 -3.24
C ILE B 48 -22.83 44.84 -2.28
N PHE B 49 -23.41 44.77 -1.08
CA PHE B 49 -23.41 45.96 -0.21
C PHE B 49 -22.02 46.27 0.33
N ARG B 50 -21.43 45.35 1.10
CA ARG B 50 -20.20 45.64 1.81
C ARG B 50 -18.95 45.17 1.05
N ARG B 51 -18.92 43.90 0.64
CA ARG B 51 -17.77 43.29 -0.03
C ARG B 51 -16.56 43.27 0.91
N ASP B 52 -15.49 42.59 0.51
CA ASP B 52 -14.26 42.47 1.28
C ASP B 52 -14.48 41.64 2.54
N LEU B 53 -15.72 41.22 2.79
CA LEU B 53 -16.07 40.34 3.89
C LEU B 53 -16.56 38.99 3.40
N LEU B 54 -16.16 38.59 2.19
CA LEU B 54 -16.62 37.33 1.63
C LEU B 54 -16.10 36.14 2.44
N CYS B 55 -14.84 36.18 2.84
CA CYS B 55 -14.28 35.08 3.61
C CYS B 55 -14.97 34.88 4.96
N PRO B 56 -15.16 35.91 5.81
CA PRO B 56 -15.83 35.67 7.10
C PRO B 56 -17.29 35.30 6.98
N LEU B 57 -18.07 36.09 6.25
CA LEU B 57 -19.52 35.94 6.21
C LEU B 57 -20.01 35.17 4.99
N GLY B 58 -19.52 35.52 3.79
CA GLY B 58 -19.89 34.77 2.61
C GLY B 58 -19.45 33.32 2.66
N GLY B 59 -18.27 33.07 3.25
CA GLY B 59 -17.84 31.70 3.45
C GLY B 59 -18.80 30.93 4.34
N LEU B 60 -19.27 31.58 5.40
CA LEU B 60 -20.25 30.93 6.32
C LEU B 60 -21.56 30.67 5.55
N GLY B 61 -22.00 31.63 4.73
CA GLY B 61 -23.21 31.42 3.96
C GLY B 61 -23.11 30.26 3.01
N LEU B 62 -21.97 30.14 2.31
CA LEU B 62 -21.77 29.03 1.39
C LEU B 62 -21.63 27.71 2.13
N LEU B 63 -20.99 27.73 3.31
CA LEU B 63 -20.90 26.52 4.13
C LEU B 63 -22.29 26.05 4.57
N LEU B 64 -23.14 26.99 5.01
CA LEU B 64 -24.49 26.63 5.39
C LEU B 64 -25.29 26.16 4.18
N LEU B 65 -25.00 26.69 2.99
CA LEU B 65 -25.64 26.19 1.78
C LEU B 65 -25.25 24.74 1.50
N MET B 66 -23.96 24.42 1.68
CA MET B 66 -23.51 23.00 1.51
C MET B 66 -24.26 22.15 2.54
N ILE B 67 -24.36 22.65 3.77
CA ILE B 67 -25.03 21.85 4.86
C ILE B 67 -26.48 21.62 4.43
N THR B 68 -27.15 22.62 3.87
CA THR B 68 -28.54 22.47 3.47
C THR B 68 -28.67 21.46 2.32
N LEU B 69 -27.75 21.51 1.36
CA LEU B 69 -27.80 20.54 0.26
C LEU B 69 -27.57 19.12 0.75
N LEU B 70 -26.62 18.95 1.68
CA LEU B 70 -26.40 17.63 2.27
C LEU B 70 -27.63 17.16 3.03
N LEU B 71 -28.30 18.07 3.75
CA LEU B 71 -29.53 17.71 4.43
C LEU B 71 -30.61 17.30 3.44
N ILE B 72 -30.70 18.00 2.30
CA ILE B 72 -31.67 17.63 1.27
C ILE B 72 -31.40 16.22 0.77
N ALA B 73 -30.13 15.90 0.52
CA ALA B 73 -29.77 14.55 0.12
C ALA B 73 -30.00 13.54 1.23
N LEU B 74 -30.04 14.00 2.49
CA LEU B 74 -30.15 13.06 3.65
C LEU B 74 -31.60 12.64 3.89
N TRP B 75 -32.58 13.44 3.46
CA TRP B 75 -33.96 13.10 3.72
C TRP B 75 -34.39 11.90 2.88
N ASN B 76 -35.47 11.25 3.33
CA ASN B 76 -36.05 10.03 2.74
C ASN B 76 -34.98 9.10 2.19
N LEU B 77 -33.98 8.83 3.02
CA LEU B 77 -32.84 7.98 2.68
C LEU B 77 -32.68 6.89 3.74
N HIS B 78 -33.76 6.21 4.07
CA HIS B 78 -33.72 5.13 5.05
C HIS B 78 -32.72 4.06 4.62
N GLY B 79 -31.85 3.69 5.54
CA GLY B 79 -30.80 2.72 5.27
C GLY B 79 -29.52 3.15 5.95
N GLN B 80 -28.44 2.43 5.64
CA GLN B 80 -27.16 2.70 6.26
C GLN B 80 -26.41 3.87 5.63
N ALA B 81 -26.77 4.27 4.42
CA ALA B 81 -26.17 5.47 3.84
C ALA B 81 -26.52 6.71 4.64
N LEU B 82 -27.70 6.71 5.28
CA LEU B 82 -28.10 7.83 6.12
C LEU B 82 -27.15 8.02 7.28
N TYR B 83 -26.53 6.94 7.78
CA TYR B 83 -25.63 7.06 8.91
C TYR B 83 -24.33 7.78 8.53
N LEU B 84 -23.73 7.39 7.41
CA LEU B 84 -22.55 8.10 6.95
C LEU B 84 -22.89 9.53 6.54
N GLY B 85 -24.10 9.74 5.99
CA GLY B 85 -24.55 11.09 5.73
C GLY B 85 -24.65 11.92 7.00
N ILE B 86 -25.15 11.31 8.07
CA ILE B 86 -25.20 12.01 9.37
C ILE B 86 -23.79 12.34 9.84
N VAL B 87 -22.84 11.42 9.64
CA VAL B 87 -21.46 11.69 10.05
C VAL B 87 -20.92 12.90 9.31
N LEU B 88 -21.11 12.94 7.99
CA LEU B 88 -20.62 14.08 7.21
C LEU B 88 -21.36 15.37 7.57
N PHE B 89 -22.66 15.28 7.86
CA PHE B 89 -23.43 16.43 8.29
C PHE B 89 -22.92 16.96 9.63
N ILE B 90 -22.55 16.06 10.54
CA ILE B 90 -21.97 16.46 11.81
C ILE B 90 -20.63 17.13 11.60
N PHE B 91 -19.83 16.61 10.66
CA PHE B 91 -18.56 17.27 10.34
C PHE B 91 -18.79 18.69 9.83
N GLY B 92 -19.75 18.86 8.92
CA GLY B 92 -20.05 20.18 8.42
C GLY B 92 -20.59 21.12 9.47
N CYS B 93 -21.43 20.61 10.38
CA CYS B 93 -21.94 21.43 11.47
C CYS B 93 -20.82 21.84 12.41
N LEU B 94 -19.87 20.95 12.67
CA LEU B 94 -18.71 21.31 13.47
C LEU B 94 -17.89 22.40 12.78
N LEU B 95 -17.75 22.31 11.45
CA LEU B 95 -17.06 23.38 10.74
C LEU B 95 -17.83 24.70 10.82
N VAL B 96 -19.16 24.64 10.78
CA VAL B 96 -19.98 25.85 10.94
C VAL B 96 -19.72 26.48 12.29
N LEU B 97 -19.73 25.66 13.35
CA LEU B 97 -19.49 26.17 14.69
C LEU B 97 -18.07 26.74 14.82
N GLY B 98 -17.09 26.08 14.20
CA GLY B 98 -15.73 26.60 14.24
C GLY B 98 -15.60 27.94 13.55
N LEU B 99 -16.20 28.07 12.38
CA LEU B 99 -16.15 29.38 11.70
C LEU B 99 -16.83 30.43 12.57
N TRP B 100 -18.02 30.10 13.06
CA TRP B 100 -18.72 31.05 13.93
C TRP B 100 -17.85 31.48 15.09
N ILE B 101 -17.12 30.54 15.70
CA ILE B 101 -16.22 30.90 16.80
C ILE B 101 -15.11 31.81 16.31
N TYR B 102 -14.57 31.53 15.11
CA TYR B 102 -13.52 32.38 14.55
C TYR B 102 -14.04 33.80 14.30
N PHE B 103 -15.23 33.92 13.72
CA PHE B 103 -15.81 35.23 13.48
C PHE B 103 -16.11 35.95 14.79
N LEU B 104 -16.53 35.18 15.80
CA LEU B 104 -16.79 35.76 17.14
C LEU B 104 -15.47 36.34 17.67
N GLU B 105 -14.39 35.57 17.55
CA GLU B 105 -13.08 36.03 18.02
C GLU B 105 -12.65 37.30 17.29
N ILE B 106 -12.88 37.34 15.98
CA ILE B 106 -12.55 38.55 15.21
C ILE B 106 -13.36 39.74 15.70
N LEU B 107 -14.66 39.53 15.93
CA LEU B 107 -15.51 40.61 16.40
C LEU B 107 -15.08 41.09 17.79
N TRP B 108 -14.72 40.16 18.67
CA TRP B 108 -14.22 40.54 19.99
C TRP B 108 -12.93 41.33 19.87
N ARG B 109 -12.03 40.91 18.98
CA ARG B 109 -10.79 41.64 18.76
C ARG B 109 -11.07 43.05 18.27
N LEU B 110 -12.05 43.21 17.38
CA LEU B 110 -12.43 44.54 16.92
C LEU B 110 -12.96 45.38 18.07
N GLY B 111 -13.59 44.76 19.07
CA GLY B 111 -14.10 45.48 20.21
C GLY B 111 -15.61 45.51 20.29
N ALA B 112 -16.19 44.72 21.18
CA ALA B 112 -17.63 44.66 21.35
C ALA B 112 -17.94 44.25 22.78
N THR B 113 -19.06 44.76 23.30
CA THR B 113 -19.49 44.40 24.63
C THR B 113 -19.90 42.94 24.68
N ILE B 114 -19.68 42.31 25.84
CA ILE B 114 -20.01 40.89 25.99
C ILE B 114 -21.51 40.68 25.89
N TRP B 115 -22.31 41.65 26.31
CA TRP B 115 -23.76 41.52 26.19
C TRP B 115 -24.20 41.47 24.72
N GLN B 116 -23.59 42.31 23.88
CA GLN B 116 -23.97 42.34 22.47
C GLN B 116 -23.50 41.09 21.74
N LEU B 117 -22.33 40.57 22.17
CA LEU B 117 -21.81 39.30 21.60
C LEU B 117 -22.79 38.20 21.99
N LEU B 118 -23.23 38.17 23.26
CA LEU B 118 -24.22 37.19 23.68
C LEU B 118 -25.52 37.36 22.93
N ALA B 119 -25.87 38.60 22.58
CA ALA B 119 -27.07 38.83 21.77
C ALA B 119 -26.95 38.19 20.39
N PHE B 120 -25.80 38.36 19.74
CA PHE B 120 -25.57 37.66 18.47
C PHE B 120 -25.62 36.14 18.63
N ILE B 121 -25.00 35.62 19.68
CA ILE B 121 -25.00 34.16 19.88
C ILE B 121 -26.42 33.64 20.07
N LEU B 122 -27.20 34.34 20.91
CA LEU B 122 -28.57 33.95 21.14
C LEU B 122 -29.40 34.07 19.86
N ALA B 123 -29.16 35.12 19.06
CA ALA B 123 -29.89 35.28 17.81
C ALA B 123 -29.59 34.13 16.85
N PHE B 124 -28.32 33.76 16.73
CA PHE B 124 -27.96 32.67 15.83
C PHE B 124 -28.57 31.34 16.29
N PHE B 125 -28.48 31.05 17.59
CA PHE B 125 -29.05 29.79 18.07
C PHE B 125 -30.57 29.79 17.97
N LEU B 126 -31.20 30.95 18.18
CA LEU B 126 -32.64 31.05 18.00
C LEU B 126 -33.03 30.85 16.55
N ALA B 127 -32.23 31.38 15.62
CA ALA B 127 -32.50 31.15 14.20
C ALA B 127 -32.36 29.67 13.86
N ILE B 128 -31.36 29.00 14.43
CA ILE B 128 -31.20 27.57 14.19
C ILE B 128 -32.40 26.80 14.72
N ILE B 129 -32.86 27.14 15.92
CA ILE B 129 -34.02 26.47 16.50
C ILE B 129 -35.27 26.75 15.67
N LEU B 130 -35.38 27.97 15.13
CA LEU B 130 -36.55 28.30 14.28
C LEU B 130 -36.53 27.42 13.04
N LEU B 131 -35.35 27.33 12.44
CA LEU B 131 -35.25 26.49 11.26
C LEU B 131 -35.60 25.04 11.59
N ILE B 132 -35.14 24.55 12.74
CA ILE B 132 -35.42 23.16 13.13
C ILE B 132 -36.92 22.95 13.27
N ILE B 133 -37.60 23.89 13.95
CA ILE B 133 -39.05 23.72 14.13
C ILE B 133 -39.78 23.93 12.81
N ALA B 134 -39.23 24.76 11.91
CA ALA B 134 -39.83 24.93 10.59
C ALA B 134 -39.74 23.63 9.78
N LEU B 135 -38.68 22.86 9.96
CA LEU B 135 -38.60 21.55 9.23
C LEU B 135 -39.74 20.65 9.67
N TYR B 136 -40.27 20.86 10.88
CA TYR B 136 -41.39 20.05 11.32
C TYR B 136 -42.73 20.76 11.14
N LEU B 137 -42.73 22.02 10.70
CA LEU B 137 -43.95 22.80 10.50
C LEU B 137 -44.02 23.20 9.03
N GLN B 138 -44.60 22.33 8.21
CA GLN B 138 -44.68 22.56 6.76
C GLN B 138 -46.00 23.21 6.36
N GLN B 139 -46.33 24.35 6.97
CA GLN B 139 -47.51 25.10 6.59
C GLN B 139 -47.22 26.22 5.59
N ASN B 140 -45.97 26.36 5.16
CA ASN B 140 -45.56 27.30 4.12
C ASN B 140 -45.80 28.76 4.51
N TRP B 141 -45.96 29.04 5.80
CA TRP B 141 -46.06 30.42 6.26
C TRP B 141 -45.03 30.69 7.33
N TRP B 142 -44.66 29.66 8.09
CA TRP B 142 -43.60 29.79 9.08
C TRP B 142 -42.22 29.85 8.42
N THR B 143 -42.10 29.19 7.26
CA THR B 143 -40.82 29.20 6.51
C THR B 143 -40.51 30.64 6.13
N LEU B 144 -41.52 31.38 5.65
CA LEU B 144 -41.32 32.77 5.27
C LEU B 144 -40.80 33.59 6.45
N LEU B 145 -41.37 33.38 7.63
CA LEU B 145 -40.92 34.10 8.82
C LEU B 145 -39.48 33.74 9.19
N VAL B 146 -39.15 32.45 9.12
CA VAL B 146 -37.80 32.02 9.47
C VAL B 146 -36.79 32.62 8.49
N ASP B 147 -37.11 32.60 7.20
CA ASP B 147 -36.21 33.17 6.20
C ASP B 147 -36.07 34.67 6.37
N LEU B 148 -37.16 35.36 6.69
CA LEU B 148 -37.09 36.80 6.93
C LEU B 148 -36.22 37.10 8.15
N LEU B 149 -36.35 36.29 9.20
CA LEU B 149 -35.51 36.47 10.38
C LEU B 149 -34.03 36.25 10.05
N TRP B 150 -33.74 35.22 9.24
CA TRP B 150 -32.36 34.98 8.82
C TRP B 150 -31.82 36.17 8.03
N LEU B 151 -32.64 36.68 7.10
CA LEU B 151 -32.22 37.85 6.28
C LEU B 151 -31.93 39.02 7.23
N LEU B 152 -32.84 39.29 8.16
CA LEU B 152 -32.66 40.41 9.08
C LEU B 152 -31.40 40.24 9.93
N LEU B 153 -31.14 39.01 10.40
CA LEU B 153 -29.95 38.76 11.21
C LEU B 153 -28.69 39.03 10.42
N PHE B 154 -28.62 38.53 9.18
CA PHE B 154 -27.43 38.77 8.36
C PHE B 154 -27.30 40.23 7.95
N MET B 155 -28.41 40.91 7.66
CA MET B 155 -28.35 42.34 7.38
C MET B 155 -27.82 43.11 8.58
N ALA B 156 -28.27 42.76 9.79
CA ALA B 156 -27.79 43.44 10.99
C ALA B 156 -26.30 43.18 11.21
N ILE B 157 -25.86 41.94 11.02
CA ILE B 157 -24.45 41.64 11.23
C ILE B 157 -23.58 42.30 10.17
N LEU B 158 -24.13 42.53 8.97
CA LEU B 158 -23.39 43.26 7.95
C LEU B 158 -23.33 44.75 8.25
N ILE B 159 -24.44 45.33 8.71
CA ILE B 159 -24.51 46.77 8.90
C ILE B 159 -23.83 47.22 10.19
N TRP B 160 -23.76 46.37 11.21
CA TRP B 160 -23.14 46.77 12.47
C TRP B 160 -21.62 46.78 12.37
N MET B 161 -21.05 45.89 11.56
CA MET B 161 -19.60 45.83 11.38
C MET B 161 -19.10 47.06 10.63
N SER C 1 -7.46 32.79 5.98
CA SER C 1 -8.43 33.07 4.94
C SER C 1 -8.32 32.05 3.81
N ILE C 2 -7.14 31.96 3.20
CA ILE C 2 -6.92 30.99 2.13
C ILE C 2 -7.04 29.57 2.66
N GLY C 3 -6.47 29.30 3.82
CA GLY C 3 -6.60 27.97 4.41
C GLY C 3 -8.04 27.62 4.71
N LEU C 4 -8.82 28.61 5.17
CA LEU C 4 -10.26 28.36 5.42
C LEU C 4 -10.92 27.97 4.09
N ALA C 5 -10.60 28.71 3.02
CA ALA C 5 -11.21 28.41 1.71
C ALA C 5 -10.83 27.02 1.25
N LEU C 6 -9.57 26.62 1.45
CA LEU C 6 -9.15 25.26 1.07
C LEU C 6 -9.89 24.21 1.88
N LEU C 7 -10.07 24.45 3.18
CA LEU C 7 -10.80 23.50 4.01
C LEU C 7 -12.27 23.41 3.57
N LEU C 8 -12.87 24.55 3.24
CA LEU C 8 -14.24 24.55 2.72
C LEU C 8 -14.32 23.78 1.42
N LEU C 9 -13.31 23.93 0.55
CA LEU C 9 -13.30 23.21 -0.75
C LEU C 9 -13.17 21.70 -0.48
N LEU C 10 -12.35 21.30 0.49
CA LEU C 10 -12.23 19.88 0.82
C LEU C 10 -13.54 19.32 1.35
N LEU C 11 -14.21 20.06 2.23
CA LEU C 11 -15.50 19.61 2.74
C LEU C 11 -16.53 19.52 1.61
N ALA C 12 -16.50 20.48 0.69
CA ALA C 12 -17.41 20.44 -0.46
C ALA C 12 -17.14 19.22 -1.32
N LEU C 13 -15.87 18.90 -1.54
CA LEU C 13 -15.53 17.70 -2.31
C LEU C 13 -16.05 16.45 -1.63
N LEU C 14 -15.86 16.36 -0.31
CA LEU C 14 -16.39 15.22 0.44
C LEU C 14 -17.90 15.12 0.28
N PHE C 15 -18.59 16.25 0.43
CA PHE C 15 -20.05 16.26 0.34
C PHE C 15 -20.52 15.82 -1.05
N TRP C 16 -19.91 16.38 -2.09
CA TRP C 16 -20.28 16.01 -3.45
C TRP C 16 -20.08 14.53 -3.69
N LEU C 17 -18.90 14.03 -3.31
CA LEU C 17 -18.57 12.64 -3.60
C LEU C 17 -19.45 11.69 -2.80
N TYR C 18 -19.91 12.11 -1.62
CA TYR C 18 -20.89 11.30 -0.91
C TYR C 18 -22.23 11.31 -1.61
N ILE C 19 -22.69 12.50 -2.00
CA ILE C 19 -24.04 12.62 -2.61
C ILE C 19 -24.08 11.78 -3.89
N VAL C 20 -22.98 11.77 -4.67
CA VAL C 20 -22.98 11.06 -5.94
C VAL C 20 -23.35 9.59 -5.74
N MET C 21 -22.82 8.97 -4.68
CA MET C 21 -23.11 7.57 -4.42
C MET C 21 -23.88 7.38 -3.10
N SER C 22 -24.86 8.23 -2.84
CA SER C 22 -25.70 8.03 -1.67
C SER C 22 -26.54 6.77 -1.82
N ASN C 23 -27.24 6.64 -2.95
CA ASN C 23 -28.01 5.45 -3.25
C ASN C 23 -27.88 5.11 -4.72
N TRP C 24 -28.12 3.85 -5.05
CA TRP C 24 -28.00 3.36 -6.41
C TRP C 24 -29.37 3.32 -7.09
N THR C 25 -29.37 3.48 -8.40
CA THR C 25 -30.60 3.62 -9.20
C THR C 25 -31.44 4.77 -8.68
N GLY C 26 -30.78 5.87 -8.29
CA GLY C 26 -31.49 7.05 -7.84
C GLY C 26 -32.03 7.86 -8.99
N GLY C 27 -32.97 8.76 -8.66
CA GLY C 27 -33.61 9.57 -9.65
C GLY C 27 -32.76 10.73 -10.11
N ALA C 28 -33.35 11.56 -10.98
CA ALA C 28 -32.67 12.75 -11.48
C ALA C 28 -32.37 13.76 -10.39
N LEU C 29 -33.10 13.70 -9.27
CA LEU C 29 -32.84 14.62 -8.17
C LEU C 29 -31.43 14.44 -7.63
N LEU C 30 -30.94 13.21 -7.58
CA LEU C 30 -29.56 12.97 -7.15
C LEU C 30 -28.57 13.60 -8.13
N VAL C 31 -28.87 13.53 -9.43
CA VAL C 31 -28.03 14.18 -10.43
C VAL C 31 -27.98 15.68 -10.18
N LEU C 32 -29.13 16.28 -9.88
CA LEU C 32 -29.15 17.72 -9.64
C LEU C 32 -28.41 18.08 -8.35
N TYR C 33 -28.51 17.23 -7.31
CA TYR C 33 -27.75 17.48 -6.09
C TYR C 33 -26.25 17.46 -6.37
N SER C 34 -25.80 16.45 -7.12
CA SER C 34 -24.38 16.37 -7.46
C SER C 34 -23.93 17.57 -8.28
N PHE C 35 -24.77 18.00 -9.22
CA PHE C 35 -24.42 19.17 -10.02
C PHE C 35 -24.35 20.44 -9.19
N ALA C 36 -25.26 20.59 -8.22
CA ALA C 36 -25.20 21.75 -7.33
C ALA C 36 -23.93 21.73 -6.50
N LEU C 37 -23.50 20.57 -6.00
CA LEU C 37 -22.23 20.70 -5.23
C LEU C 37 -21.08 20.91 -6.22
N MET C 38 -21.13 20.38 -7.44
CA MET C 38 -20.07 20.76 -8.38
C MET C 38 -20.03 22.26 -8.61
N LEU C 39 -21.19 22.91 -8.67
CA LEU C 39 -21.19 24.36 -8.83
C LEU C 39 -20.59 25.04 -7.60
N ILE C 40 -20.86 24.49 -6.42
CA ILE C 40 -20.21 25.00 -5.21
C ILE C 40 -18.69 24.79 -5.29
N ILE C 41 -18.26 23.63 -5.77
CA ILE C 41 -16.84 23.39 -6.01
C ILE C 41 -16.26 24.47 -6.93
N ILE C 42 -16.99 24.79 -7.99
CA ILE C 42 -16.54 25.80 -8.95
C ILE C 42 -16.37 27.15 -8.26
N ILE C 43 -17.34 27.52 -7.43
CA ILE C 43 -17.27 28.81 -6.74
C ILE C 43 -16.09 28.86 -5.79
N LEU C 44 -15.82 27.75 -5.11
CA LEU C 44 -14.69 27.81 -4.16
C LEU C 44 -13.38 27.83 -4.97
N ILE C 45 -13.32 27.15 -6.13
CA ILE C 45 -12.11 27.20 -6.94
C ILE C 45 -11.86 28.62 -7.44
N ILE C 46 -12.91 29.29 -7.92
CA ILE C 46 -12.76 30.65 -8.41
C ILE C 46 -12.31 31.58 -7.29
N PHE C 47 -12.91 31.45 -6.11
CA PHE C 47 -12.53 32.30 -5.00
C PHE C 47 -11.09 32.04 -4.57
N ILE C 48 -10.66 30.77 -4.62
CA ILE C 48 -9.31 30.43 -4.18
C ILE C 48 -8.26 30.96 -5.16
N PHE C 49 -8.51 30.79 -6.46
CA PHE C 49 -7.48 31.11 -7.44
C PHE C 49 -7.30 32.62 -7.60
N ARG C 50 -8.35 33.31 -8.08
CA ARG C 50 -8.31 34.79 -8.25
C ARG C 50 -9.63 35.41 -7.81
N ARG C 51 -9.62 36.22 -6.75
CA ARG C 51 -10.85 36.79 -6.20
C ARG C 51 -11.39 37.94 -7.03
N ASP C 52 -10.65 38.40 -8.04
CA ASP C 52 -11.12 39.48 -8.88
C ASP C 52 -12.09 39.01 -9.97
N LEU C 53 -12.15 37.71 -10.23
CA LEU C 53 -12.95 37.18 -11.33
C LEU C 53 -14.34 36.72 -10.88
N LEU C 54 -14.67 36.97 -9.61
CA LEU C 54 -15.97 36.50 -9.06
C LEU C 54 -17.13 37.42 -9.48
N CYS C 55 -16.85 38.49 -10.24
CA CYS C 55 -17.95 39.32 -10.72
C CYS C 55 -18.68 38.66 -11.87
N PRO C 56 -18.05 38.37 -13.04
CA PRO C 56 -18.79 37.65 -14.08
C PRO C 56 -18.91 36.16 -13.81
N LEU C 57 -17.80 35.53 -13.41
CA LEU C 57 -17.76 34.07 -13.33
C LEU C 57 -18.39 33.56 -12.04
N GLY C 58 -18.14 34.23 -10.92
CA GLY C 58 -18.85 33.90 -9.70
C GLY C 58 -20.35 34.09 -9.85
N GLY C 59 -20.75 35.17 -10.52
CA GLY C 59 -22.15 35.37 -10.82
C GLY C 59 -22.71 34.25 -11.69
N LEU C 60 -21.94 33.81 -12.68
CA LEU C 60 -22.38 32.69 -13.52
C LEU C 60 -22.57 31.43 -12.69
N GLY C 61 -21.61 31.13 -11.82
CA GLY C 61 -21.73 29.94 -10.99
C GLY C 61 -22.93 30.00 -10.07
N LEU C 62 -23.12 31.13 -9.39
CA LEU C 62 -24.30 31.30 -8.55
C LEU C 62 -25.58 31.20 -9.37
N LEU C 63 -25.55 31.65 -10.61
CA LEU C 63 -26.75 31.62 -11.44
C LEU C 63 -27.12 30.19 -11.84
N LEU C 64 -26.13 29.39 -12.25
CA LEU C 64 -26.41 27.98 -12.51
C LEU C 64 -26.86 27.25 -11.25
N LEU C 65 -26.27 27.61 -10.11
CA LEU C 65 -26.67 27.00 -8.81
C LEU C 65 -28.14 27.31 -8.61
N MET C 66 -28.52 28.58 -8.74
CA MET C 66 -29.88 29.02 -8.51
C MET C 66 -30.84 28.32 -9.47
N ILE C 67 -30.44 28.18 -10.73
CA ILE C 67 -31.25 27.49 -11.73
C ILE C 67 -31.47 26.03 -11.34
N THR C 68 -30.41 25.39 -10.86
CA THR C 68 -30.51 23.96 -10.50
C THR C 68 -31.47 23.82 -9.32
N LEU C 69 -31.38 24.72 -8.34
CA LEU C 69 -32.34 24.70 -7.23
C LEU C 69 -33.77 24.91 -7.73
N LEU C 70 -33.94 25.78 -8.73
CA LEU C 70 -35.31 25.92 -9.29
C LEU C 70 -35.74 24.56 -9.87
N LEU C 71 -34.86 23.91 -10.64
CA LEU C 71 -35.25 22.64 -11.24
C LEU C 71 -35.64 21.62 -10.18
N ILE C 72 -34.86 21.55 -9.10
CA ILE C 72 -35.16 20.63 -8.01
C ILE C 72 -36.54 20.93 -7.44
N ALA C 73 -36.85 22.22 -7.25
CA ALA C 73 -38.18 22.59 -6.78
C ALA C 73 -39.25 22.20 -7.78
N LEU C 74 -38.95 22.31 -9.08
CA LEU C 74 -39.97 22.08 -10.11
C LEU C 74 -40.32 20.60 -10.26
N TRP C 75 -39.35 19.72 -10.01
CA TRP C 75 -39.58 18.26 -10.19
C TRP C 75 -40.81 17.81 -9.41
N ASN C 76 -40.95 18.25 -8.15
CA ASN C 76 -42.08 17.83 -7.32
C ASN C 76 -43.39 18.43 -7.82
N LEU C 77 -43.37 19.68 -8.27
CA LEU C 77 -44.58 20.36 -8.69
C LEU C 77 -45.13 19.77 -9.99
N HIS C 78 -46.46 19.77 -10.11
CA HIS C 78 -47.11 19.26 -11.31
C HIS C 78 -48.25 20.11 -11.84
N GLY C 79 -48.74 21.10 -11.09
CA GLY C 79 -49.89 21.89 -11.48
C GLY C 79 -49.51 23.17 -12.20
N GLN C 80 -50.34 24.20 -12.00
CA GLN C 80 -50.04 25.50 -12.59
C GLN C 80 -48.74 26.07 -12.05
N ALA C 81 -48.37 25.70 -10.82
CA ALA C 81 -47.07 26.09 -10.29
C ALA C 81 -45.95 25.54 -11.15
N LEU C 82 -46.12 24.36 -11.73
CA LEU C 82 -45.12 23.82 -12.64
C LEU C 82 -44.99 24.70 -13.88
N TYR C 83 -46.11 25.17 -14.44
CA TYR C 83 -46.04 26.05 -15.59
C TYR C 83 -45.38 27.38 -15.25
N LEU C 84 -45.71 27.95 -14.10
CA LEU C 84 -45.08 29.19 -13.68
C LEU C 84 -43.58 29.00 -13.47
N GLY C 85 -43.20 27.87 -12.88
CA GLY C 85 -41.79 27.56 -12.74
C GLY C 85 -41.10 27.36 -14.07
N ILE C 86 -41.79 26.78 -15.05
CA ILE C 86 -41.21 26.63 -16.37
C ILE C 86 -40.94 27.99 -17.00
N VAL C 87 -41.91 28.91 -16.89
CA VAL C 87 -41.73 30.25 -17.43
C VAL C 87 -40.57 30.96 -16.73
N LEU C 88 -40.51 30.83 -15.40
CA LEU C 88 -39.49 31.51 -14.63
C LEU C 88 -38.10 30.92 -14.90
N PHE C 89 -38.04 29.61 -15.11
CA PHE C 89 -36.80 28.94 -15.51
C PHE C 89 -36.39 29.36 -16.91
N ILE C 90 -37.35 29.62 -17.80
CA ILE C 90 -37.03 30.15 -19.12
C ILE C 90 -36.41 31.54 -18.99
N PHE C 91 -36.96 32.36 -18.10
CA PHE C 91 -36.35 33.66 -17.83
C PHE C 91 -34.93 33.51 -17.31
N GLY C 92 -34.71 32.57 -16.40
CA GLY C 92 -33.37 32.32 -15.90
C GLY C 92 -32.41 31.86 -16.99
N CYS C 93 -32.90 31.01 -17.90
CA CYS C 93 -32.06 30.55 -19.02
C CYS C 93 -31.71 31.71 -19.94
N LEU C 94 -32.67 32.59 -20.23
CA LEU C 94 -32.36 33.76 -21.04
C LEU C 94 -31.31 34.63 -20.36
N LEU C 95 -31.42 34.80 -19.04
CA LEU C 95 -30.47 35.64 -18.33
C LEU C 95 -29.08 35.01 -18.32
N VAL C 96 -29.01 33.68 -18.14
CA VAL C 96 -27.69 32.98 -18.13
C VAL C 96 -27.07 33.07 -19.52
N LEU C 97 -27.89 32.93 -20.57
CA LEU C 97 -27.37 33.08 -21.92
C LEU C 97 -26.84 34.50 -22.14
N GLY C 98 -27.55 35.50 -21.63
CA GLY C 98 -27.06 36.87 -21.72
C GLY C 98 -25.73 37.06 -21.02
N LEU C 99 -25.61 36.52 -19.80
CA LEU C 99 -24.33 36.63 -19.09
C LEU C 99 -23.23 35.90 -19.83
N TRP C 100 -23.54 34.73 -20.39
CA TRP C 100 -22.53 33.95 -21.12
C TRP C 100 -22.05 34.69 -22.36
N ILE C 101 -22.97 35.30 -23.11
CA ILE C 101 -22.55 36.04 -24.30
C ILE C 101 -21.81 37.31 -23.91
N TYR C 102 -22.16 37.92 -22.78
CA TYR C 102 -21.40 39.07 -22.30
C TYR C 102 -19.97 38.68 -21.96
N PHE C 103 -19.79 37.56 -21.26
CA PHE C 103 -18.46 37.09 -20.94
C PHE C 103 -17.69 36.71 -22.21
N LEU C 104 -18.41 36.15 -23.17
CA LEU C 104 -17.79 35.77 -24.47
C LEU C 104 -17.28 37.03 -25.15
N GLU C 105 -18.11 38.07 -25.19
CA GLU C 105 -17.70 39.33 -25.83
C GLU C 105 -16.53 39.96 -25.10
N ILE C 106 -16.49 39.82 -23.78
CA ILE C 106 -15.34 40.36 -22.98
C ILE C 106 -14.08 39.58 -23.38
N LEU C 107 -14.20 38.26 -23.53
CA LEU C 107 -13.06 37.44 -23.95
C LEU C 107 -12.58 37.82 -25.34
N TRP C 108 -13.51 38.05 -26.26
CA TRP C 108 -13.14 38.49 -27.61
C TRP C 108 -12.44 39.85 -27.58
N ARG C 109 -12.94 40.75 -26.73
CA ARG C 109 -12.29 42.05 -26.56
C ARG C 109 -10.88 41.89 -26.02
N LEU C 110 -10.64 40.88 -25.20
CA LEU C 110 -9.30 40.61 -24.72
C LEU C 110 -8.35 40.22 -25.84
N GLY C 111 -8.88 39.74 -26.97
CA GLY C 111 -8.05 39.39 -28.10
C GLY C 111 -7.97 37.91 -28.39
N ALA C 112 -9.08 37.20 -28.19
CA ALA C 112 -9.14 35.77 -28.47
C ALA C 112 -9.54 35.53 -29.92
N THR C 113 -9.07 34.42 -30.46
CA THR C 113 -9.36 34.06 -31.84
C THR C 113 -10.81 33.60 -31.98
N ILE C 114 -11.33 33.70 -33.20
CA ILE C 114 -12.69 33.27 -33.47
C ILE C 114 -12.82 31.75 -33.33
N TRP C 115 -11.77 31.02 -33.71
CA TRP C 115 -11.81 29.57 -33.57
C TRP C 115 -11.91 29.17 -32.09
N GLN C 116 -11.16 29.87 -31.23
CA GLN C 116 -11.21 29.60 -29.77
C GLN C 116 -12.62 29.93 -29.27
N LEU C 117 -13.20 31.05 -29.70
CA LEU C 117 -14.58 31.40 -29.27
C LEU C 117 -15.53 30.27 -29.67
N LEU C 118 -15.49 29.83 -30.93
CA LEU C 118 -16.39 28.77 -31.35
C LEU C 118 -16.16 27.50 -30.54
N ALA C 119 -14.89 27.19 -30.25
CA ALA C 119 -14.58 26.02 -29.44
C ALA C 119 -15.18 26.13 -28.04
N PHE C 120 -15.08 27.31 -27.43
CA PHE C 120 -15.66 27.49 -26.09
C PHE C 120 -17.18 27.38 -26.13
N ILE C 121 -17.80 27.98 -27.15
CA ILE C 121 -19.28 27.90 -27.31
C ILE C 121 -19.68 26.43 -27.44
N LEU C 122 -18.98 25.69 -28.31
CA LEU C 122 -19.31 24.29 -28.54
C LEU C 122 -19.09 23.46 -27.29
N ALA C 123 -18.02 23.73 -26.54
CA ALA C 123 -17.76 23.01 -25.31
C ALA C 123 -18.85 23.27 -24.28
N PHE C 124 -19.28 24.53 -24.13
CA PHE C 124 -20.35 24.83 -23.19
C PHE C 124 -21.65 24.15 -23.57
N PHE C 125 -22.01 24.21 -24.85
CA PHE C 125 -23.26 23.59 -25.29
C PHE C 125 -23.19 22.07 -25.17
N LEU C 126 -22.01 21.49 -25.43
CA LEU C 126 -21.84 20.05 -25.26
C LEU C 126 -21.96 19.66 -23.79
N ALA C 127 -21.42 20.49 -22.89
CA ALA C 127 -21.56 20.21 -21.46
C ALA C 127 -23.02 20.29 -21.04
N ILE C 128 -23.76 21.27 -21.57
CA ILE C 128 -25.19 21.37 -21.25
C ILE C 128 -25.93 20.13 -21.76
N ILE C 129 -25.62 19.70 -22.98
CA ILE C 129 -26.27 18.51 -23.54
C ILE C 129 -25.91 17.27 -22.71
N LEU C 130 -24.66 17.19 -22.25
CA LEU C 130 -24.25 16.07 -21.41
C LEU C 130 -25.01 16.08 -20.08
N LEU C 131 -25.19 17.26 -19.50
CA LEU C 131 -25.99 17.34 -18.27
C LEU C 131 -27.42 16.91 -18.53
N ILE C 132 -27.99 17.30 -19.67
CA ILE C 132 -29.36 16.92 -19.99
C ILE C 132 -29.46 15.41 -20.15
N ILE C 133 -28.50 14.79 -20.83
CA ILE C 133 -28.56 13.34 -21.03
C ILE C 133 -28.30 12.60 -19.72
N ALA C 134 -27.52 13.20 -18.80
CA ALA C 134 -27.29 12.59 -17.47
C ALA C 134 -28.59 12.72 -16.68
N LEU C 135 -29.34 13.79 -16.90
CA LEU C 135 -30.66 13.92 -16.23
C LEU C 135 -31.57 12.84 -16.80
N TYR C 136 -31.51 12.62 -18.12
CA TYR C 136 -32.30 11.55 -18.71
C TYR C 136 -31.83 10.18 -18.22
N LEU C 137 -30.51 9.97 -18.18
CA LEU C 137 -29.94 8.67 -17.84
C LEU C 137 -29.61 8.66 -16.35
N GLN C 138 -30.52 8.12 -15.55
CA GLN C 138 -30.43 8.19 -14.09
C GLN C 138 -29.45 7.13 -13.58
N GLN C 139 -28.17 7.46 -13.69
CA GLN C 139 -27.09 6.60 -13.22
C GLN C 139 -26.04 7.43 -12.50
N ASN C 140 -25.39 6.82 -11.50
CA ASN C 140 -24.32 7.50 -10.79
C ASN C 140 -23.01 7.50 -11.58
N TRP C 141 -23.01 6.70 -12.63
CA TRP C 141 -21.85 6.67 -13.52
C TRP C 141 -21.80 7.98 -14.30
N TRP C 142 -22.79 8.20 -15.19
CA TRP C 142 -22.79 9.39 -16.08
C TRP C 142 -22.81 10.67 -15.23
N THR C 143 -23.54 10.66 -14.12
CA THR C 143 -23.63 11.86 -13.30
C THR C 143 -22.24 12.34 -12.90
N LEU C 144 -21.43 11.43 -12.36
CA LEU C 144 -20.06 11.78 -11.91
C LEU C 144 -19.23 12.20 -13.14
N LEU C 145 -19.38 11.48 -14.26
CA LEU C 145 -18.63 11.88 -15.45
C LEU C 145 -18.98 13.30 -15.88
N VAL C 146 -20.27 13.63 -15.94
CA VAL C 146 -20.66 14.98 -16.36
C VAL C 146 -20.19 16.01 -15.35
N ASP C 147 -20.19 15.67 -14.06
CA ASP C 147 -19.70 16.60 -13.06
C ASP C 147 -18.22 16.91 -13.26
N LEU C 148 -17.39 15.89 -13.47
CA LEU C 148 -15.98 16.19 -13.70
C LEU C 148 -15.75 16.85 -15.05
N LEU C 149 -16.58 16.57 -16.06
CA LEU C 149 -16.42 17.26 -17.33
C LEU C 149 -16.78 18.74 -17.21
N TRP C 150 -17.79 19.07 -16.41
CA TRP C 150 -18.09 20.46 -16.11
C TRP C 150 -16.95 21.11 -15.34
N LEU C 151 -16.37 20.37 -14.40
CA LEU C 151 -15.18 20.85 -13.69
C LEU C 151 -14.05 21.16 -14.64
N LEU C 152 -13.78 20.27 -15.60
CA LEU C 152 -12.73 20.53 -16.58
C LEU C 152 -13.06 21.69 -17.51
N LEU C 153 -14.35 21.84 -17.86
CA LEU C 153 -14.75 22.97 -18.70
C LEU C 153 -14.49 24.29 -17.99
N PHE C 154 -14.76 24.32 -16.68
CA PHE C 154 -14.54 25.56 -15.89
C PHE C 154 -13.05 25.65 -15.53
N MET C 155 -12.28 24.58 -15.79
CA MET C 155 -10.80 24.62 -15.58
C MET C 155 -10.17 25.17 -16.85
N ALA C 156 -10.77 24.96 -18.03
CA ALA C 156 -10.28 25.63 -19.22
C ALA C 156 -10.41 27.14 -19.09
N ILE C 157 -11.56 27.60 -18.59
CA ILE C 157 -11.68 28.98 -18.15
C ILE C 157 -10.94 29.11 -16.81
N LEU C 158 -10.69 30.36 -16.42
CA LEU C 158 -10.06 30.69 -15.13
C LEU C 158 -8.58 30.32 -15.16
N ILE C 159 -8.13 29.69 -16.25
CA ILE C 159 -6.73 29.40 -16.48
C ILE C 159 -6.20 30.13 -17.70
N TRP C 160 -6.97 30.14 -18.79
CA TRP C 160 -6.57 30.89 -19.98
C TRP C 160 -6.47 32.38 -19.69
N MET C 161 -7.41 32.91 -18.92
CA MET C 161 -7.40 34.33 -18.56
C MET C 161 -6.29 34.62 -17.55
N SER D 1 43.78 -24.89 13.76
CA SER D 1 42.87 -24.72 12.63
C SER D 1 42.93 -25.91 11.69
N ILE D 2 44.15 -26.43 11.46
CA ILE D 2 44.31 -27.56 10.56
C ILE D 2 43.75 -28.83 11.19
N GLY D 3 43.95 -29.02 12.50
CA GLY D 3 43.48 -30.23 13.14
C GLY D 3 41.97 -30.36 13.11
N LEU D 4 41.27 -29.27 13.45
CA LEU D 4 39.78 -29.27 13.43
C LEU D 4 39.31 -29.54 12.00
N ALA D 5 39.92 -28.88 11.02
CA ALA D 5 39.49 -29.04 9.63
C ALA D 5 39.69 -30.47 9.16
N LEU D 6 40.82 -31.08 9.50
CA LEU D 6 41.05 -32.47 9.13
C LEU D 6 40.10 -33.42 9.84
N LEU D 7 39.77 -33.14 11.11
CA LEU D 7 38.78 -33.95 11.81
C LEU D 7 37.42 -33.85 11.14
N LEU D 8 37.02 -32.65 10.74
CA LEU D 8 35.76 -32.47 10.02
C LEU D 8 35.78 -33.20 8.69
N LEU D 9 36.92 -33.18 8.00
CA LEU D 9 37.02 -33.90 6.72
C LEU D 9 36.89 -35.40 6.92
N LEU D 10 37.55 -35.94 7.96
CA LEU D 10 37.41 -37.37 8.24
C LEU D 10 35.97 -37.72 8.58
N LEU D 11 35.31 -36.88 9.38
CA LEU D 11 33.91 -37.09 9.71
C LEU D 11 33.06 -37.06 8.45
N ALA D 12 33.35 -36.13 7.54
CA ALA D 12 32.57 -36.01 6.31
C ALA D 12 32.72 -37.25 5.44
N LEU D 13 33.95 -37.71 5.24
CA LEU D 13 34.16 -38.91 4.42
C LEU D 13 33.50 -40.13 5.05
N LEU D 14 33.62 -40.28 6.38
CA LEU D 14 32.96 -41.41 7.04
C LEU D 14 31.45 -41.34 6.86
N PHE D 15 30.88 -40.15 7.08
CA PHE D 15 29.41 -39.96 6.96
C PHE D 15 28.96 -40.33 5.55
N TRP D 16 29.65 -39.79 4.53
CA TRP D 16 29.25 -40.02 3.14
C TRP D 16 29.38 -41.49 2.76
N LEU D 17 30.49 -42.13 3.16
CA LEU D 17 30.65 -43.55 2.86
C LEU D 17 29.57 -44.38 3.53
N TYR D 18 29.17 -43.99 4.75
CA TYR D 18 28.04 -44.67 5.39
C TYR D 18 26.75 -44.48 4.61
N ILE D 19 26.48 -43.22 4.24
CA ILE D 19 25.17 -42.86 3.61
C ILE D 19 24.99 -43.45 2.20
N VAL D 20 26.08 -43.68 1.48
CA VAL D 20 25.95 -44.15 0.06
C VAL D 20 25.40 -45.58 0.09
N MET D 21 26.14 -46.49 0.76
CA MET D 21 25.72 -47.92 0.88
C MET D 21 24.95 -48.11 2.19
N SER D 22 23.95 -47.27 2.46
CA SER D 22 23.18 -47.31 3.70
C SER D 22 21.96 -48.21 3.59
N ASN D 23 21.08 -47.94 2.62
CA ASN D 23 19.85 -48.71 2.47
C ASN D 23 19.98 -49.85 1.46
N TRP D 24 20.73 -49.66 0.37
CA TRP D 24 20.90 -50.70 -0.70
C TRP D 24 19.70 -50.76 -1.63
N THR D 25 18.58 -50.18 -1.19
CA THR D 25 17.37 -50.24 -2.00
C THR D 25 16.63 -48.93 -2.08
N GLY D 26 17.11 -47.87 -1.43
CA GLY D 26 16.41 -46.62 -1.43
C GLY D 26 16.41 -45.94 -2.79
N GLY D 27 15.45 -45.04 -2.98
CA GLY D 27 15.27 -44.37 -4.25
C GLY D 27 16.26 -43.25 -4.48
N ALA D 28 15.84 -42.26 -5.26
CA ALA D 28 16.69 -41.13 -5.61
C ALA D 28 16.96 -40.19 -4.44
N LEU D 29 16.15 -40.26 -3.38
CA LEU D 29 16.39 -39.40 -2.22
C LEU D 29 17.73 -39.69 -1.58
N LEU D 30 18.11 -40.96 -1.52
CA LEU D 30 19.43 -41.32 -0.99
C LEU D 30 20.53 -40.74 -1.88
N VAL D 31 20.30 -40.75 -3.19
CA VAL D 31 21.30 -40.18 -4.15
C VAL D 31 21.45 -38.69 -3.83
N LEU D 32 20.32 -38.00 -3.60
CA LEU D 32 20.37 -36.57 -3.30
C LEU D 32 21.09 -36.30 -1.98
N TYR D 33 20.82 -37.10 -0.95
CA TYR D 33 21.50 -36.92 0.32
C TYR D 33 23.01 -37.13 0.18
N SER D 34 23.40 -38.19 -0.55
CA SER D 34 24.82 -38.46 -0.74
C SER D 34 25.49 -37.34 -1.52
N PHE D 35 24.80 -36.80 -2.53
CA PHE D 35 25.35 -35.69 -3.30
C PHE D 35 25.51 -34.44 -2.42
N ALA D 36 24.55 -34.19 -1.53
CA ALA D 36 24.68 -33.05 -0.63
C ALA D 36 25.87 -33.22 0.31
N LEU D 37 26.02 -34.42 0.87
CA LEU D 37 27.18 -34.69 1.76
C LEU D 37 28.47 -34.62 0.94
N MET D 38 28.44 -35.12 -0.30
CA MET D 38 29.61 -35.11 -1.18
C MET D 38 29.97 -33.66 -1.40
N LEU D 39 28.99 -32.74 -1.49
CA LEU D 39 29.25 -31.28 -1.73
C LEU D 39 29.85 -30.67 -0.46
N ILE D 40 29.30 -30.99 0.71
CA ILE D 40 29.89 -30.56 1.97
C ILE D 40 31.38 -30.92 2.02
N ILE D 41 31.73 -32.16 1.58
CA ILE D 41 33.16 -32.56 1.52
C ILE D 41 33.88 -31.53 0.65
N ILE D 42 33.33 -31.28 -0.53
CA ILE D 42 34.01 -30.37 -1.49
C ILE D 42 34.28 -29.05 -0.76
N ILE D 43 33.27 -28.48 -0.09
CA ILE D 43 33.43 -27.19 0.58
C ILE D 43 34.54 -27.27 1.62
N LEU D 44 34.58 -28.37 2.38
CA LEU D 44 35.66 -28.56 3.34
C LEU D 44 37.01 -28.62 2.64
N ILE D 45 37.08 -29.32 1.51
CA ILE D 45 38.34 -29.41 0.76
C ILE D 45 38.81 -28.03 0.34
N ILE D 46 37.91 -27.21 -0.18
CA ILE D 46 38.29 -25.85 -0.58
C ILE D 46 38.76 -25.07 0.64
N PHE D 47 38.08 -25.21 1.77
CA PHE D 47 38.47 -24.45 2.96
C PHE D 47 39.81 -24.90 3.52
N ILE D 48 40.21 -26.15 3.28
CA ILE D 48 41.46 -26.65 3.95
C ILE D 48 42.70 -26.61 3.05
N PHE D 49 42.61 -27.05 1.78
CA PHE D 49 43.81 -27.12 0.96
C PHE D 49 44.28 -25.75 0.50
N ARG D 50 43.45 -25.06 -0.29
CA ARG D 50 43.85 -23.83 -0.94
C ARG D 50 43.46 -22.58 -0.15
N ARG D 51 42.19 -22.46 0.22
CA ARG D 51 41.66 -21.28 0.90
C ARG D 51 41.77 -20.05 0.02
N ASP D 52 41.16 -18.94 0.43
CA ASP D 52 41.18 -17.67 -0.29
C ASP D 52 40.37 -17.78 -1.59
N LEU D 53 39.88 -18.97 -1.90
CA LEU D 53 39.02 -19.20 -3.04
C LEU D 53 37.61 -19.60 -2.63
N LEU D 54 37.19 -19.21 -1.42
CA LEU D 54 35.87 -19.59 -0.93
C LEU D 54 34.77 -18.95 -1.75
N CYS D 55 34.94 -17.67 -2.10
CA CYS D 55 33.91 -16.99 -2.89
C CYS D 55 33.71 -17.61 -4.27
N PRO D 56 34.75 -17.87 -5.09
CA PRO D 56 34.50 -18.46 -6.41
C PRO D 56 34.00 -19.90 -6.36
N LEU D 57 34.72 -20.77 -5.64
CA LEU D 57 34.44 -22.20 -5.66
C LEU D 57 33.59 -22.66 -4.48
N GLY D 58 33.92 -22.24 -3.26
CA GLY D 58 33.10 -22.60 -2.12
C GLY D 58 31.70 -22.04 -2.21
N GLY D 59 31.57 -20.82 -2.75
CA GLY D 59 30.24 -20.27 -3.00
C GLY D 59 29.43 -21.13 -3.95
N LEU D 60 30.08 -21.61 -5.00
CA LEU D 60 29.40 -22.50 -5.98
C LEU D 60 28.99 -23.80 -5.28
N GLY D 61 29.88 -24.36 -4.44
CA GLY D 61 29.56 -25.58 -3.73
C GLY D 61 28.35 -25.41 -2.81
N LEU D 62 28.32 -24.29 -2.07
CA LEU D 62 27.19 -24.04 -1.19
C LEU D 62 25.91 -23.76 -1.97
N LEU D 63 26.03 -23.09 -3.12
CA LEU D 63 24.86 -22.87 -3.98
C LEU D 63 24.30 -24.19 -4.48
N LEU D 64 25.17 -25.09 -4.92
CA LEU D 64 24.73 -26.40 -5.37
C LEU D 64 24.15 -27.21 -4.22
N LEU D 65 24.66 -27.00 -3.00
CA LEU D 65 24.06 -27.64 -1.84
C LEU D 65 22.63 -27.14 -1.60
N MET D 66 22.42 -25.82 -1.74
CA MET D 66 21.04 -25.27 -1.59
C MET D 66 20.18 -25.90 -2.68
N ILE D 67 20.71 -25.99 -3.90
CA ILE D 67 19.91 -26.56 -5.04
C ILE D 67 19.54 -28.00 -4.68
N THR D 68 20.46 -28.78 -4.12
CA THR D 68 20.17 -30.16 -3.77
C THR D 68 19.13 -30.25 -2.67
N LEU D 69 19.20 -29.36 -1.67
CA LEU D 69 18.20 -29.38 -0.61
C LEU D 69 16.82 -29.01 -1.15
N LEU D 70 16.76 -28.03 -2.05
CA LEU D 70 15.49 -27.67 -2.66
C LEU D 70 14.95 -28.83 -3.49
N LEU D 71 15.83 -29.54 -4.20
CA LEU D 71 15.40 -30.72 -4.95
C LEU D 71 14.87 -31.80 -4.02
N ILE D 72 15.51 -31.98 -2.86
CA ILE D 72 15.02 -32.96 -1.89
C ILE D 72 13.62 -32.59 -1.44
N ALA D 73 13.40 -31.31 -1.13
CA ALA D 73 12.06 -30.86 -0.77
C ALA D 73 11.08 -30.95 -1.93
N LEU D 74 11.58 -30.96 -3.17
CA LEU D 74 10.69 -30.99 -4.34
C LEU D 74 10.12 -32.38 -4.59
N TRP D 75 10.86 -33.44 -4.26
CA TRP D 75 10.41 -34.79 -4.58
C TRP D 75 9.13 -35.12 -3.82
N ASN D 76 8.43 -36.13 -4.33
CA ASN D 76 7.14 -36.62 -3.82
C ASN D 76 6.28 -35.50 -3.25
N LEU D 77 6.12 -34.44 -4.05
CA LEU D 77 5.36 -33.26 -3.70
C LEU D 77 4.34 -32.95 -4.77
N HIS D 78 3.58 -33.97 -5.17
CA HIS D 78 2.55 -33.79 -6.20
C HIS D 78 1.55 -32.72 -5.76
N GLY D 79 1.28 -31.78 -6.65
CA GLY D 79 0.40 -30.67 -6.39
C GLY D 79 0.95 -29.40 -6.99
N GLN D 80 0.30 -28.28 -6.65
CA GLN D 80 0.69 -26.99 -7.22
C GLN D 80 1.90 -26.37 -6.51
N ALA D 81 2.24 -26.84 -5.32
CA ALA D 81 3.47 -26.36 -4.67
C ALA D 81 4.70 -26.78 -5.46
N LEU D 82 4.62 -27.93 -6.14
CA LEU D 82 5.73 -28.40 -6.94
C LEU D 82 6.06 -27.43 -8.07
N TYR D 83 5.06 -26.70 -8.56
CA TYR D 83 5.30 -25.77 -9.67
C TYR D 83 6.09 -24.56 -9.21
N LEU D 84 5.72 -23.97 -8.08
CA LEU D 84 6.51 -22.87 -7.54
C LEU D 84 7.88 -23.35 -7.10
N GLY D 85 7.97 -24.58 -6.60
CA GLY D 85 9.26 -25.15 -6.30
C GLY D 85 10.14 -25.28 -7.54
N ILE D 86 9.54 -25.68 -8.66
CA ILE D 86 10.27 -25.74 -9.92
C ILE D 86 10.73 -24.36 -10.34
N VAL D 87 9.90 -23.34 -10.11
CA VAL D 87 10.29 -21.98 -10.46
C VAL D 87 11.51 -21.56 -9.65
N LEU D 88 11.49 -21.82 -8.35
CA LEU D 88 12.63 -21.45 -7.50
C LEU D 88 13.87 -22.28 -7.86
N PHE D 89 13.68 -23.55 -8.19
CA PHE D 89 14.78 -24.40 -8.61
C PHE D 89 15.40 -23.89 -9.90
N ILE D 90 14.57 -23.41 -10.83
CA ILE D 90 15.07 -22.83 -12.07
C ILE D 90 15.85 -21.55 -11.78
N PHE D 91 15.35 -20.74 -10.84
CA PHE D 91 16.10 -19.54 -10.44
C PHE D 91 17.47 -19.91 -9.89
N GLY D 92 17.52 -20.92 -9.02
CA GLY D 92 18.79 -21.34 -8.46
C GLY D 92 19.73 -21.92 -9.52
N CYS D 93 19.19 -22.68 -10.46
CA CYS D 93 20.01 -23.22 -11.55
C CYS D 93 20.56 -22.10 -12.43
N LEU D 94 19.74 -21.07 -12.67
CA LEU D 94 20.23 -19.91 -13.42
C LEU D 94 21.36 -19.22 -12.65
N LEU D 95 21.23 -19.12 -11.34
CA LEU D 95 22.32 -18.54 -10.55
C LEU D 95 23.58 -19.41 -10.62
N VAL D 96 23.40 -20.74 -10.63
CA VAL D 96 24.54 -21.64 -10.77
C VAL D 96 25.25 -21.39 -12.09
N LEU D 97 24.47 -21.29 -13.17
CA LEU D 97 25.05 -21.03 -14.50
C LEU D 97 25.74 -19.68 -14.54
N GLY D 98 25.14 -18.67 -13.91
CA GLY D 98 25.77 -17.36 -13.87
C GLY D 98 27.09 -17.35 -13.13
N LEU D 99 27.12 -18.04 -11.99
CA LEU D 99 28.37 -18.12 -11.21
C LEU D 99 29.41 -18.85 -12.06
N TRP D 100 29.02 -19.96 -12.67
CA TRP D 100 29.94 -20.71 -13.52
C TRP D 100 30.49 -19.83 -14.64
N ILE D 101 29.64 -19.00 -15.24
CA ILE D 101 30.10 -18.10 -16.29
C ILE D 101 31.09 -17.08 -15.72
N TYR D 102 30.81 -16.58 -14.52
CA TYR D 102 31.72 -15.63 -13.89
C TYR D 102 33.07 -16.26 -13.60
N PHE D 103 33.07 -17.48 -13.07
CA PHE D 103 34.33 -18.17 -12.80
C PHE D 103 35.07 -18.49 -14.10
N LEU D 104 34.31 -18.79 -15.14
CA LEU D 104 34.93 -19.06 -16.47
C LEU D 104 35.62 -17.78 -16.93
N GLU D 105 34.95 -16.64 -16.79
CA GLU D 105 35.53 -15.36 -17.19
C GLU D 105 36.79 -15.07 -16.40
N ILE D 106 36.77 -15.39 -15.10
CA ILE D 106 37.96 -15.17 -14.22
C ILE D 106 39.09 -16.03 -14.75
N LEU D 107 38.80 -17.30 -15.05
CA LEU D 107 39.82 -18.22 -15.52
C LEU D 107 40.40 -17.79 -16.86
N TRP D 108 39.53 -17.31 -17.77
CA TRP D 108 40.01 -16.80 -19.05
C TRP D 108 40.90 -15.57 -18.85
N ARG D 109 40.51 -14.68 -17.93
CA ARG D 109 41.32 -13.52 -17.64
C ARG D 109 42.69 -13.92 -17.10
N LEU D 110 42.74 -14.94 -16.25
CA LEU D 110 44.02 -15.45 -15.77
C LEU D 110 44.86 -16.00 -16.91
N GLY D 111 44.23 -16.55 -17.94
CA GLY D 111 44.96 -17.06 -19.09
C GLY D 111 44.87 -18.57 -19.21
N ALA D 112 44.06 -19.04 -20.15
CA ALA D 112 43.89 -20.47 -20.39
C ALA D 112 43.51 -20.70 -21.83
N THR D 113 43.95 -21.84 -22.37
CA THR D 113 43.61 -22.20 -23.74
C THR D 113 42.12 -22.47 -23.86
N ILE D 114 41.56 -22.16 -25.04
CA ILE D 114 40.13 -22.36 -25.25
C ILE D 114 39.78 -23.84 -25.22
N TRP D 115 40.71 -24.71 -25.64
CA TRP D 115 40.44 -26.15 -25.58
C TRP D 115 40.30 -26.62 -24.14
N GLN D 116 41.15 -26.12 -23.24
CA GLN D 116 41.09 -26.57 -21.85
C GLN D 116 39.86 -26.01 -21.15
N LEU D 117 39.46 -24.80 -21.54
CA LEU D 117 38.21 -24.20 -21.00
C LEU D 117 37.04 -25.06 -21.47
N LEU D 118 37.03 -25.44 -22.75
CA LEU D 118 35.99 -26.33 -23.26
C LEU D 118 36.02 -27.68 -22.55
N ALA D 119 37.22 -28.13 -22.16
CA ALA D 119 37.33 -29.38 -21.40
C ALA D 119 36.64 -29.26 -20.05
N PHE D 120 36.87 -28.15 -19.34
CA PHE D 120 36.15 -27.92 -18.08
C PHE D 120 34.64 -27.82 -18.29
N ILE D 121 34.20 -27.13 -19.35
CA ILE D 121 32.77 -26.99 -19.60
C ILE D 121 32.15 -28.37 -19.86
N LEU D 122 32.80 -29.17 -20.70
CA LEU D 122 32.31 -30.51 -21.00
C LEU D 122 32.31 -31.38 -19.75
N ALA D 123 33.35 -31.25 -18.92
CA ALA D 123 33.40 -32.04 -17.69
C ALA D 123 32.25 -31.69 -16.76
N PHE D 124 31.97 -30.38 -16.59
CA PHE D 124 30.87 -29.97 -15.72
C PHE D 124 29.53 -30.45 -16.25
N PHE D 125 29.29 -30.29 -17.56
CA PHE D 125 28.02 -30.74 -18.12
C PHE D 125 27.89 -32.25 -18.06
N LEU D 126 28.99 -32.97 -18.27
CA LEU D 126 28.97 -34.42 -18.15
C LEU D 126 28.67 -34.85 -16.71
N ALA D 127 29.23 -34.13 -15.73
CA ALA D 127 28.92 -34.43 -14.34
C ALA D 127 27.45 -34.19 -14.04
N ILE D 128 26.89 -33.09 -14.59
CA ILE D 128 25.47 -32.83 -14.39
C ILE D 128 24.62 -33.94 -15.00
N ILE D 129 24.97 -34.39 -16.22
CA ILE D 129 24.23 -35.47 -16.86
C ILE D 129 24.37 -36.77 -16.08
N LEU D 130 25.55 -36.98 -15.49
CA LEU D 130 25.78 -38.21 -14.69
C LEU D 130 24.87 -38.17 -13.47
N LEU D 131 24.83 -37.02 -12.83
CA LEU D 131 23.94 -36.89 -11.68
C LEU D 131 22.49 -37.10 -12.08
N ILE D 132 22.08 -36.56 -13.22
CA ILE D 132 20.69 -36.71 -13.66
C ILE D 132 20.37 -38.18 -13.88
N ILE D 133 21.26 -38.92 -14.55
CA ILE D 133 20.99 -40.33 -14.79
C ILE D 133 21.10 -41.14 -13.50
N ALA D 134 21.93 -40.68 -12.55
CA ALA D 134 21.99 -41.33 -11.24
C ALA D 134 20.68 -41.18 -10.49
N LEU D 135 20.02 -40.05 -10.64
CA LEU D 135 18.74 -39.95 -9.92
C LEU D 135 17.79 -41.05 -10.43
N TYR D 136 17.91 -41.43 -11.69
CA TYR D 136 17.04 -42.47 -12.21
C TYR D 136 17.63 -43.88 -12.06
N LEU D 137 18.86 -43.99 -11.57
CA LEU D 137 19.54 -45.28 -11.40
C LEU D 137 19.87 -45.43 -9.91
N GLN D 138 18.92 -45.97 -9.14
CA GLN D 138 19.08 -46.13 -7.69
C GLN D 138 19.61 -47.51 -7.32
N GLN D 139 20.74 -47.90 -7.90
CA GLN D 139 21.38 -49.16 -7.55
C GLN D 139 22.47 -49.00 -6.49
N ASN D 140 22.70 -47.78 -6.01
CA ASN D 140 23.64 -47.49 -4.92
C ASN D 140 25.08 -47.85 -5.25
N TRP D 141 25.40 -47.97 -6.54
CA TRP D 141 26.79 -48.19 -6.95
C TRP D 141 27.18 -47.13 -7.98
N TRP D 142 26.21 -46.66 -8.74
CA TRP D 142 26.48 -45.58 -9.70
C TRP D 142 26.61 -44.24 -8.99
N THR D 143 25.91 -44.10 -7.85
CA THR D 143 26.01 -42.85 -7.05
C THR D 143 27.46 -42.68 -6.63
N LEU D 144 28.08 -43.75 -6.15
CA LEU D 144 29.47 -43.69 -5.71
C LEU D 144 30.38 -43.19 -6.83
N LEU D 145 30.17 -43.70 -8.05
CA LEU D 145 30.97 -43.27 -9.18
C LEU D 145 30.73 -41.80 -9.51
N VAL D 146 29.47 -41.36 -9.48
CA VAL D 146 29.17 -39.96 -9.79
C VAL D 146 29.81 -39.05 -8.75
N ASP D 147 29.71 -39.40 -7.47
CA ASP D 147 30.31 -38.59 -6.43
C ASP D 147 31.84 -38.57 -6.54
N LEU D 148 32.44 -39.70 -6.87
CA LEU D 148 33.89 -39.74 -7.06
C LEU D 148 34.30 -38.86 -8.23
N LEU D 149 33.53 -38.88 -9.32
CA LEU D 149 33.83 -38.01 -10.45
C LEU D 149 33.70 -36.54 -10.07
N TRP D 150 32.68 -36.20 -9.29
CA TRP D 150 32.55 -34.82 -8.82
C TRP D 150 33.74 -34.41 -7.97
N LEU D 151 34.16 -35.29 -7.07
CA LEU D 151 35.31 -35.01 -6.21
C LEU D 151 36.58 -34.82 -7.05
N LEU D 152 36.77 -35.67 -8.05
CA LEU D 152 37.94 -35.56 -8.92
C LEU D 152 37.89 -34.27 -9.74
N LEU D 153 36.72 -33.89 -10.23
CA LEU D 153 36.60 -32.65 -10.99
C LEU D 153 36.95 -31.44 -10.13
N PHE D 154 36.43 -31.39 -8.91
CA PHE D 154 36.76 -30.27 -8.04
C PHE D 154 38.22 -30.31 -7.59
N MET D 155 38.79 -31.50 -7.38
CA MET D 155 40.22 -31.61 -7.11
C MET D 155 41.05 -31.03 -8.25
N ALA D 156 40.67 -31.36 -9.49
CA ALA D 156 41.41 -30.85 -10.64
C ALA D 156 41.28 -29.34 -10.75
N ILE D 157 40.06 -28.81 -10.55
CA ILE D 157 39.88 -27.36 -10.68
C ILE D 157 40.58 -26.62 -9.55
N LEU D 158 40.72 -27.24 -8.38
CA LEU D 158 41.47 -26.61 -7.30
C LEU D 158 42.97 -26.67 -7.54
N ILE D 159 43.48 -27.80 -8.03
CA ILE D 159 44.92 -27.98 -8.17
C ILE D 159 45.48 -27.29 -9.41
N TRP D 160 44.66 -27.10 -10.46
CA TRP D 160 45.18 -26.47 -11.66
C TRP D 160 45.31 -24.96 -11.50
N MET D 161 44.43 -24.35 -10.71
CA MET D 161 44.49 -22.91 -10.47
C MET D 161 45.72 -22.54 -9.66
N SER E 1 32.29 -9.93 -5.07
CA SER E 1 32.45 -10.96 -4.05
C SER E 1 31.39 -10.81 -2.96
N ILE E 2 31.37 -9.63 -2.31
CA ILE E 2 30.37 -9.38 -1.27
C ILE E 2 28.97 -9.37 -1.85
N GLY E 3 28.79 -8.73 -3.01
CA GLY E 3 27.49 -8.74 -3.65
C GLY E 3 27.03 -10.13 -4.03
N LEU E 4 27.95 -10.98 -4.49
CA LEU E 4 27.61 -12.37 -4.78
C LEU E 4 27.17 -13.09 -3.51
N ALA E 5 27.84 -12.84 -2.39
CA ALA E 5 27.45 -13.46 -1.13
C ALA E 5 26.06 -12.99 -0.69
N LEU E 6 25.77 -11.69 -0.86
CA LEU E 6 24.45 -11.18 -0.52
C LEU E 6 23.37 -11.79 -1.40
N LEU E 7 23.64 -11.94 -2.69
CA LEU E 7 22.68 -12.57 -3.59
C LEU E 7 22.45 -14.03 -3.21
N LEU E 8 23.52 -14.74 -2.85
CA LEU E 8 23.39 -16.12 -2.39
C LEU E 8 22.56 -16.19 -1.12
N LEU E 9 22.76 -15.23 -0.22
CA LEU E 9 21.99 -15.20 1.06
C LEU E 9 20.51 -14.94 0.75
N LEU E 10 20.22 -14.05 -0.21
CA LEU E 10 18.83 -13.79 -0.59
C LEU E 10 18.19 -15.04 -1.18
N LEU E 11 18.90 -15.73 -2.07
CA LEU E 11 18.37 -16.96 -2.64
C LEU E 11 18.16 -18.02 -1.56
N ALA E 12 19.08 -18.10 -0.59
CA ALA E 12 18.93 -19.04 0.50
C ALA E 12 17.70 -18.72 1.35
N LEU E 13 17.45 -17.44 1.61
CA LEU E 13 16.27 -17.03 2.35
C LEU E 13 15.00 -17.42 1.59
N LEU E 14 14.99 -17.17 0.27
CA LEU E 14 13.84 -17.58 -0.54
C LEU E 14 13.62 -19.08 -0.45
N PHE E 15 14.69 -19.85 -0.58
CA PHE E 15 14.57 -21.31 -0.56
C PHE E 15 14.04 -21.79 0.80
N TRP E 16 14.61 -21.27 1.89
CA TRP E 16 14.17 -21.65 3.21
C TRP E 16 12.69 -21.34 3.41
N LEU E 17 12.32 -20.09 3.09
CA LEU E 17 10.93 -19.63 3.26
C LEU E 17 10.01 -20.60 2.51
N TYR E 18 10.37 -20.89 1.27
CA TYR E 18 9.51 -21.77 0.48
C TYR E 18 9.39 -23.14 1.13
N ILE E 19 10.52 -23.71 1.55
CA ILE E 19 10.49 -25.10 2.11
C ILE E 19 9.62 -25.11 3.36
N VAL E 20 9.67 -24.05 4.17
CA VAL E 20 8.90 -24.03 5.42
C VAL E 20 7.43 -24.27 5.15
N MET E 21 6.89 -23.65 4.09
CA MET E 21 5.48 -23.82 3.76
C MET E 21 5.27 -24.52 2.42
N SER E 22 6.06 -25.55 2.14
CA SER E 22 5.83 -26.34 0.94
C SER E 22 4.50 -27.08 1.01
N ASN E 23 4.28 -27.79 2.11
CA ASN E 23 3.01 -28.48 2.33
C ASN E 23 2.64 -28.37 3.80
N TRP E 24 1.34 -28.51 4.07
CA TRP E 24 0.81 -28.40 5.41
C TRP E 24 0.63 -29.78 6.03
N THR E 25 0.75 -29.84 7.36
CA THR E 25 0.75 -31.10 8.10
C THR E 25 1.85 -32.02 7.59
N GLY E 26 3.01 -31.45 7.26
CA GLY E 26 4.14 -32.23 6.83
C GLY E 26 4.85 -32.89 7.98
N GLY E 27 5.68 -33.87 7.64
CA GLY E 27 6.40 -34.63 8.64
C GLY E 27 7.60 -33.89 9.17
N ALA E 28 8.34 -34.58 10.05
CA ALA E 28 9.55 -34.01 10.63
C ALA E 28 10.63 -33.76 9.59
N LEU E 29 10.56 -34.43 8.44
CA LEU E 29 11.54 -34.23 7.38
C LEU E 29 11.51 -32.78 6.89
N LEU E 30 10.32 -32.18 6.82
CA LEU E 30 10.22 -30.78 6.45
C LEU E 30 10.89 -29.88 7.48
N VAL E 31 10.74 -30.22 8.76
CA VAL E 31 11.42 -29.48 9.82
C VAL E 31 12.92 -29.54 9.62
N LEU E 32 13.44 -30.73 9.30
CA LEU E 32 14.88 -30.86 9.11
C LEU E 32 15.35 -30.10 7.87
N TYR E 33 14.55 -30.10 6.80
CA TYR E 33 14.90 -29.31 5.62
C TYR E 33 14.99 -27.83 5.95
N SER E 34 14.00 -27.32 6.68
CA SER E 34 14.01 -25.91 7.07
C SER E 34 15.21 -25.60 7.96
N PHE E 35 15.55 -26.51 8.88
CA PHE E 35 16.71 -26.28 9.74
C PHE E 35 18.00 -26.29 8.95
N ALA E 36 18.12 -27.17 7.96
CA ALA E 36 19.31 -27.18 7.11
C ALA E 36 19.43 -25.87 6.34
N LEU E 37 18.30 -25.35 5.91
CA LEU E 37 18.34 -24.09 5.14
C LEU E 37 18.73 -22.96 6.10
N MET E 38 18.27 -23.02 7.35
CA MET E 38 18.71 -22.02 8.33
C MET E 38 20.20 -22.12 8.63
N LEU E 39 20.75 -23.33 8.66
CA LEU E 39 22.19 -23.46 8.86
C LEU E 39 22.96 -22.88 7.69
N ILE E 40 22.44 -23.04 6.47
CA ILE E 40 23.05 -22.39 5.31
C ILE E 40 22.95 -20.88 5.45
N ILE E 41 21.82 -20.37 5.93
CA ILE E 41 21.68 -18.94 6.21
C ILE E 41 22.77 -18.49 7.18
N ILE E 42 22.97 -19.29 8.22
CA ILE E 42 23.99 -18.94 9.25
C ILE E 42 25.35 -18.85 8.57
N ILE E 43 25.70 -19.83 7.74
CA ILE E 43 27.01 -19.84 7.10
C ILE E 43 27.19 -18.62 6.19
N LEU E 44 26.16 -18.29 5.42
CA LEU E 44 26.23 -17.08 4.61
C LEU E 44 26.42 -15.84 5.46
N ILE E 45 25.69 -15.74 6.58
CA ILE E 45 25.81 -14.57 7.44
C ILE E 45 27.22 -14.44 8.01
N ILE E 46 27.78 -15.57 8.47
CA ILE E 46 29.13 -15.54 9.03
C ILE E 46 30.14 -15.15 7.97
N PHE E 47 30.01 -15.69 6.76
CA PHE E 47 30.94 -15.34 5.70
C PHE E 47 30.82 -13.87 5.32
N ILE E 48 29.59 -13.34 5.33
CA ILE E 48 29.38 -11.96 4.93
C ILE E 48 29.95 -10.99 5.96
N PHE E 49 29.71 -11.27 7.25
CA PHE E 49 30.07 -10.30 8.29
C PHE E 49 31.57 -10.24 8.50
N ARG E 50 32.15 -11.37 8.96
CA ARG E 50 33.63 -11.45 9.19
C ARG E 50 34.16 -12.80 8.72
N ARG E 51 35.01 -12.82 7.68
CA ARG E 51 35.49 -14.08 7.11
C ARG E 51 36.57 -14.73 7.96
N ASP E 52 37.05 -14.07 9.02
CA ASP E 52 38.05 -14.66 9.89
C ASP E 52 37.46 -15.62 10.92
N LEU E 53 36.15 -15.58 11.12
CA LEU E 53 35.49 -16.37 12.16
C LEU E 53 34.95 -17.69 11.63
N LEU E 54 35.23 -18.01 10.37
CA LEU E 54 34.70 -19.24 9.74
C LEU E 54 35.49 -20.48 10.18
N CYS E 55 36.55 -20.31 10.98
CA CYS E 55 37.26 -21.49 11.47
C CYS E 55 36.48 -22.21 12.55
N PRO E 56 36.17 -21.60 13.72
CA PRO E 56 35.33 -22.31 14.69
C PRO E 56 33.84 -22.29 14.33
N LEU E 57 33.33 -21.11 13.95
CA LEU E 57 31.89 -20.95 13.75
C LEU E 57 31.42 -21.55 12.43
N GLY E 58 32.20 -21.37 11.36
CA GLY E 58 31.87 -22.03 10.11
C GLY E 58 31.92 -23.54 10.24
N GLY E 59 32.93 -24.04 10.96
CA GLY E 59 32.99 -25.46 11.24
C GLY E 59 31.78 -25.94 12.03
N LEU E 60 31.36 -25.16 13.02
CA LEU E 60 30.17 -25.52 13.79
C LEU E 60 28.93 -25.57 12.92
N GLY E 61 28.76 -24.58 12.04
CA GLY E 61 27.60 -24.57 11.17
C GLY E 61 27.59 -25.75 10.21
N LEU E 62 28.74 -26.01 9.57
CA LEU E 62 28.84 -27.18 8.70
C LEU E 62 28.61 -28.46 9.47
N LEU E 63 29.01 -28.51 10.74
CA LEU E 63 28.85 -29.74 11.52
C LEU E 63 27.38 -29.99 11.85
N LEU E 64 26.65 -28.95 12.27
CA LEU E 64 25.21 -29.13 12.48
C LEU E 64 24.50 -29.47 11.17
N LEU E 65 24.95 -28.87 10.07
CA LEU E 65 24.36 -29.18 8.73
C LEU E 65 24.56 -30.67 8.48
N MET E 66 25.79 -31.14 8.66
CA MET E 66 26.14 -32.56 8.38
C MET E 66 25.29 -33.46 9.28
N ILE E 67 25.13 -33.09 10.55
CA ILE E 67 24.34 -33.88 11.50
C ILE E 67 22.89 -33.95 11.04
N THR E 68 22.35 -32.82 10.59
CA THR E 68 20.94 -32.76 10.12
C THR E 68 20.80 -33.73 8.95
N LEU E 69 21.73 -33.68 7.99
CA LEU E 69 21.68 -34.59 6.86
C LEU E 69 21.74 -36.05 7.32
N LEU E 70 22.51 -36.32 8.36
CA LEU E 70 22.47 -37.71 8.86
C LEU E 70 21.06 -38.01 9.34
N LEU E 71 20.46 -37.11 10.12
CA LEU E 71 19.13 -37.39 10.65
C LEU E 71 18.13 -37.65 9.53
N ILE E 72 18.20 -36.82 8.47
CA ILE E 72 17.32 -37.01 7.32
C ILE E 72 17.52 -38.39 6.72
N ALA E 73 18.77 -38.81 6.57
CA ALA E 73 19.03 -40.15 6.06
C ALA E 73 18.52 -41.23 7.01
N LEU E 74 18.59 -40.98 8.32
CA LEU E 74 18.24 -42.01 9.30
C LEU E 74 16.75 -42.23 9.39
N TRP E 75 15.95 -41.19 9.15
CA TRP E 75 14.47 -41.29 9.28
C TRP E 75 13.95 -42.46 8.42
N ASN E 76 14.47 -42.60 7.19
CA ASN E 76 14.01 -43.66 6.31
C ASN E 76 14.47 -45.03 6.77
N LEU E 77 15.71 -45.13 7.26
CA LEU E 77 16.27 -46.42 7.66
C LEU E 77 15.59 -46.96 8.91
N HIS E 78 15.49 -48.28 8.98
CA HIS E 78 14.88 -48.94 10.14
C HIS E 78 15.62 -50.16 10.65
N GLY E 79 16.58 -50.69 9.91
CA GLY E 79 17.27 -51.92 10.29
C GLY E 79 18.54 -51.68 11.07
N GLN E 80 19.52 -52.57 10.88
CA GLN E 80 20.82 -52.40 11.51
C GLN E 80 21.51 -51.14 11.04
N ALA E 81 21.21 -50.69 9.82
CA ALA E 81 21.72 -49.41 9.35
C ALA E 81 21.24 -48.27 10.23
N LEU E 82 20.02 -48.37 10.75
CA LEU E 82 19.53 -47.36 11.69
C LEU E 82 20.37 -47.34 12.96
N TYR E 83 20.73 -48.51 13.49
CA TYR E 83 21.58 -48.57 14.68
C TYR E 83 22.97 -48.00 14.40
N LEU E 84 23.55 -48.33 13.25
CA LEU E 84 24.86 -47.79 12.90
C LEU E 84 24.79 -46.27 12.73
N GLY E 85 23.72 -45.78 12.13
CA GLY E 85 23.53 -44.34 12.02
C GLY E 85 23.33 -43.68 13.37
N ILE E 86 22.67 -44.36 14.30
CA ILE E 86 22.52 -43.83 15.65
C ILE E 86 23.89 -43.70 16.31
N VAL E 87 24.73 -44.73 16.18
CA VAL E 87 26.08 -44.67 16.75
C VAL E 87 26.88 -43.54 16.13
N LEU E 88 26.80 -43.41 14.80
CA LEU E 88 27.57 -42.39 14.11
C LEU E 88 27.07 -41.00 14.47
N PHE E 89 25.76 -40.84 14.64
CA PHE E 89 25.18 -39.58 15.09
C PHE E 89 25.59 -39.26 16.52
N ILE E 90 25.73 -40.29 17.36
CA ILE E 90 26.24 -40.07 18.72
C ILE E 90 27.68 -39.56 18.66
N PHE E 91 28.49 -40.13 17.76
CA PHE E 91 29.84 -39.62 17.58
C PHE E 91 29.83 -38.17 17.12
N GLY E 92 28.94 -37.84 16.18
CA GLY E 92 28.83 -36.45 15.74
C GLY E 92 28.40 -35.52 16.85
N CYS E 93 27.48 -35.97 17.71
CA CYS E 93 27.06 -35.16 18.84
C CYS E 93 28.19 -34.93 19.82
N LEU E 94 28.98 -35.97 20.10
CA LEU E 94 30.15 -35.79 20.97
C LEU E 94 31.12 -34.78 20.36
N LEU E 95 31.32 -34.87 19.05
CA LEU E 95 32.28 -33.96 18.40
C LEU E 95 31.77 -32.52 18.42
N VAL E 96 30.46 -32.34 18.20
CA VAL E 96 29.86 -30.97 18.22
C VAL E 96 29.95 -30.41 19.63
N LEU E 97 29.70 -31.25 20.64
CA LEU E 97 29.85 -30.79 22.01
C LEU E 97 31.29 -30.39 22.32
N GLY E 98 32.25 -31.16 21.80
CA GLY E 98 33.64 -30.79 21.97
C GLY E 98 33.97 -29.46 21.32
N LEU E 99 33.53 -29.24 20.08
CA LEU E 99 33.78 -27.92 19.46
C LEU E 99 33.10 -26.83 20.29
N TRP E 100 31.85 -27.06 20.70
CA TRP E 100 31.14 -26.01 21.42
C TRP E 100 31.86 -25.64 22.72
N ILE E 101 32.36 -26.64 23.46
CA ILE E 101 33.07 -26.33 24.68
C ILE E 101 34.42 -25.68 24.37
N TYR E 102 35.04 -26.05 23.26
CA TYR E 102 36.27 -25.37 22.84
C TYR E 102 36.02 -23.89 22.56
N PHE E 103 34.94 -23.60 21.82
CA PHE E 103 34.60 -22.21 21.53
C PHE E 103 34.23 -21.47 22.81
N LEU E 104 33.58 -22.17 23.74
CA LEU E 104 33.19 -21.55 25.03
C LEU E 104 34.45 -21.20 25.81
N GLU E 105 35.44 -22.10 25.83
CA GLU E 105 36.69 -21.84 26.52
C GLU E 105 37.45 -20.69 25.86
N ILE E 106 37.40 -20.60 24.53
CA ILE E 106 38.02 -19.46 23.86
C ILE E 106 37.33 -18.16 24.27
N LEU E 107 36.00 -18.17 24.33
CA LEU E 107 35.27 -16.99 24.76
C LEU E 107 35.64 -16.59 26.18
N TRP E 108 35.76 -17.57 27.09
CA TRP E 108 36.17 -17.28 28.45
C TRP E 108 37.58 -16.71 28.49
N ARG E 109 38.48 -17.25 27.66
CA ARG E 109 39.83 -16.70 27.56
C ARG E 109 39.81 -15.26 27.07
N LEU E 110 38.84 -14.91 26.22
CA LEU E 110 38.70 -13.52 25.79
C LEU E 110 38.34 -12.59 26.94
N GLY E 111 37.78 -13.14 28.03
CA GLY E 111 37.46 -12.32 29.18
C GLY E 111 35.97 -12.14 29.43
N ALA E 112 35.18 -13.17 29.16
CA ALA E 112 33.75 -13.13 29.38
C ALA E 112 33.41 -13.56 30.81
N THR E 113 32.32 -13.01 31.33
CA THR E 113 31.89 -13.33 32.69
C THR E 113 31.30 -14.74 32.75
N ILE E 114 31.31 -15.30 33.96
CA ILE E 114 30.74 -16.63 34.17
C ILE E 114 29.24 -16.61 33.94
N TRP E 115 28.58 -15.52 34.34
CA TRP E 115 27.13 -15.42 34.13
C TRP E 115 26.78 -15.45 32.65
N GLN E 116 27.56 -14.72 31.83
CA GLN E 116 27.33 -14.71 30.36
C GLN E 116 27.60 -16.11 29.81
N LEU E 117 28.63 -16.80 30.31
CA LEU E 117 28.92 -18.17 29.87
C LEU E 117 27.74 -19.10 30.15
N LEU E 118 27.21 -19.04 31.37
CA LEU E 118 26.07 -19.88 31.72
C LEU E 118 24.85 -19.52 30.90
N ALA E 119 24.65 -18.21 30.65
CA ALA E 119 23.51 -17.79 29.84
C ALA E 119 23.62 -18.32 28.42
N PHE E 120 24.83 -18.29 27.85
CA PHE E 120 25.03 -18.79 26.46
C PHE E 120 24.80 -20.31 26.42
N ILE E 121 25.29 -21.01 27.45
CA ILE E 121 25.12 -22.49 27.55
C ILE E 121 23.63 -22.78 27.60
N LEU E 122 22.90 -22.08 28.47
CA LEU E 122 21.47 -22.30 28.63
C LEU E 122 20.71 -21.97 27.36
N ALA E 123 21.10 -20.90 26.68
CA ALA E 123 20.44 -20.54 25.42
C ALA E 123 20.64 -21.60 24.36
N PHE E 124 21.87 -22.12 24.24
CA PHE E 124 22.13 -23.17 23.25
C PHE E 124 21.34 -24.43 23.57
N PHE E 125 21.31 -24.84 24.84
CA PHE E 125 20.58 -26.05 25.19
C PHE E 125 19.08 -25.85 25.02
N LEU E 126 18.58 -24.64 25.31
CA LEU E 126 17.17 -24.34 25.09
C LEU E 126 16.84 -24.38 23.60
N ALA E 127 17.73 -23.87 22.76
CA ALA E 127 17.51 -23.94 21.32
C ALA E 127 17.48 -25.38 20.84
N ILE E 128 18.38 -26.22 21.37
CA ILE E 128 18.37 -27.64 21.01
C ILE E 128 17.07 -28.29 21.43
N ILE E 129 16.60 -28.00 22.65
CA ILE E 129 15.35 -28.56 23.13
C ILE E 129 14.18 -28.08 22.28
N LEU E 130 14.22 -26.81 21.87
CA LEU E 130 13.17 -26.27 21.00
C LEU E 130 13.17 -26.97 19.65
N LEU E 131 14.35 -27.24 19.10
CA LEU E 131 14.41 -27.99 17.84
C LEU E 131 13.86 -29.39 18.03
N ILE E 132 14.17 -30.03 19.16
CA ILE E 132 13.65 -31.37 19.41
C ILE E 132 12.14 -31.36 19.51
N ILE E 133 11.57 -30.36 20.20
CA ILE E 133 10.12 -30.32 20.35
C ILE E 133 9.45 -29.94 19.02
N ALA E 134 10.11 -29.13 18.19
CA ALA E 134 9.60 -28.87 16.85
C ALA E 134 9.64 -30.14 16.01
N LEU E 135 10.65 -30.97 16.24
CA LEU E 135 10.65 -32.25 15.51
C LEU E 135 9.44 -33.04 15.98
N TYR E 136 9.27 -33.09 17.30
CA TYR E 136 8.12 -33.81 17.82
C TYR E 136 6.81 -33.21 17.30
N LEU E 137 6.71 -31.88 17.30
CA LEU E 137 5.48 -31.17 16.93
C LEU E 137 5.56 -30.79 15.46
N GLN E 138 5.00 -31.65 14.61
CA GLN E 138 5.12 -31.51 13.15
C GLN E 138 4.17 -30.43 12.65
N GLN E 139 4.60 -29.18 12.82
CA GLN E 139 3.84 -28.01 12.37
C GLN E 139 4.79 -27.02 11.71
N ASN E 140 4.27 -26.27 10.73
CA ASN E 140 5.06 -25.23 10.08
C ASN E 140 5.13 -23.97 10.92
N TRP E 141 4.29 -23.86 11.95
CA TRP E 141 4.37 -22.77 12.90
C TRP E 141 5.63 -22.86 13.75
N TRP E 142 5.72 -23.92 14.56
CA TRP E 142 6.87 -24.05 15.50
C TRP E 142 8.17 -24.16 14.71
N THR E 143 8.14 -24.84 13.56
CA THR E 143 9.36 -25.00 12.77
C THR E 143 9.98 -23.65 12.45
N LEU E 144 9.14 -22.75 11.91
CA LEU E 144 9.63 -21.39 11.53
C LEU E 144 10.06 -20.64 12.80
N LEU E 145 9.29 -20.77 13.89
CA LEU E 145 9.69 -20.11 15.12
C LEU E 145 11.07 -20.57 15.60
N VAL E 146 11.29 -21.89 15.61
CA VAL E 146 12.58 -22.41 16.07
C VAL E 146 13.69 -21.99 15.12
N ASP E 147 13.41 -21.92 13.83
CA ASP E 147 14.42 -21.47 12.88
C ASP E 147 14.83 -20.03 13.14
N LEU E 148 13.87 -19.13 13.36
CA LEU E 148 14.28 -17.75 13.66
C LEU E 148 14.92 -17.63 15.04
N LEU E 149 14.52 -18.46 16.00
CA LEU E 149 15.18 -18.41 17.30
C LEU E 149 16.63 -18.89 17.21
N TRP E 150 16.89 -19.89 16.38
CA TRP E 150 18.26 -20.31 16.11
C TRP E 150 19.04 -19.20 15.42
N LEU E 151 18.38 -18.51 14.47
CA LEU E 151 18.99 -17.36 13.82
C LEU E 151 19.38 -16.29 14.83
N LEU E 152 18.48 -15.97 15.77
CA LEU E 152 18.79 -14.99 16.80
C LEU E 152 19.87 -15.47 17.75
N LEU E 153 19.91 -16.77 18.07
CA LEU E 153 20.96 -17.30 18.92
C LEU E 153 22.33 -17.15 18.27
N PHE E 154 22.38 -17.37 16.95
CA PHE E 154 23.65 -17.22 16.19
C PHE E 154 23.89 -15.74 15.93
N MET E 155 22.87 -14.88 16.18
CA MET E 155 23.04 -13.40 16.05
C MET E 155 23.65 -12.89 17.36
N ALA E 156 23.36 -13.53 18.49
CA ALA E 156 24.05 -13.16 19.72
C ALA E 156 25.54 -13.41 19.59
N ILE E 157 25.92 -14.57 19.06
CA ILE E 157 27.30 -14.76 18.61
C ILE E 157 27.50 -13.96 17.32
N LEU E 158 28.77 -13.74 16.93
CA LEU E 158 29.14 -13.01 15.67
C LEU E 158 28.88 -11.51 15.85
N ILE E 159 28.24 -11.13 16.96
CA ILE E 159 28.03 -9.72 17.26
C ILE E 159 28.75 -9.32 18.54
N TRP E 160 28.68 -10.14 19.58
CA TRP E 160 29.41 -9.85 20.81
C TRP E 160 30.90 -9.85 20.57
N MET E 161 31.41 -10.81 19.78
CA MET E 161 32.82 -10.88 19.47
C MET E 161 33.24 -9.77 18.53
N SER F 1 18.90 4.62 9.66
CA SER F 1 18.29 4.95 8.38
C SER F 1 18.38 3.79 7.41
N ILE F 2 19.61 3.42 7.04
CA ILE F 2 19.82 2.32 6.11
C ILE F 2 19.40 0.99 6.75
N GLY F 3 19.78 0.77 8.01
CA GLY F 3 19.42 -0.48 8.67
C GLY F 3 17.92 -0.65 8.79
N LEU F 4 17.21 0.42 9.15
CA LEU F 4 15.75 0.35 9.23
C LEU F 4 15.14 0.05 7.87
N ALA F 5 15.67 0.68 6.81
CA ALA F 5 15.13 0.46 5.47
C ALA F 5 15.34 -0.99 5.03
N LEU F 6 16.53 -1.55 5.29
CA LEU F 6 16.77 -2.94 4.95
C LEU F 6 15.90 -3.89 5.78
N LEU F 7 15.67 -3.56 7.06
CA LEU F 7 14.78 -4.39 7.87
C LEU F 7 13.35 -4.35 7.33
N LEU F 8 12.88 -3.17 6.93
CA LEU F 8 11.56 -3.06 6.35
C LEU F 8 11.48 -3.81 5.03
N LEU F 9 12.55 -3.76 4.22
CA LEU F 9 12.57 -4.51 2.97
C LEU F 9 12.53 -6.01 3.22
N LEU F 10 13.25 -6.48 4.26
CA LEU F 10 13.20 -7.90 4.60
C LEU F 10 11.79 -8.30 5.01
N LEU F 11 11.12 -7.48 5.83
CA LEU F 11 9.74 -7.77 6.19
C LEU F 11 8.84 -7.80 4.97
N ALA F 12 9.02 -6.84 4.06
CA ALA F 12 8.17 -6.78 2.87
C ALA F 12 8.36 -8.02 2.01
N LEU F 13 9.61 -8.43 1.79
CA LEU F 13 9.88 -9.61 0.97
C LEU F 13 9.33 -10.86 1.63
N LEU F 14 9.50 -10.97 2.96
CA LEU F 14 8.98 -12.14 3.67
C LEU F 14 7.47 -12.23 3.55
N PHE F 15 6.78 -11.13 3.83
CA PHE F 15 5.32 -11.11 3.76
C PHE F 15 4.84 -11.42 2.34
N TRP F 16 5.47 -10.79 1.34
CA TRP F 16 5.14 -11.07 -0.05
C TRP F 16 5.27 -12.54 -0.39
N LEU F 17 6.41 -13.13 -0.08
CA LEU F 17 6.67 -14.47 -0.57
C LEU F 17 5.77 -15.47 0.15
N TYR F 18 5.52 -15.24 1.45
CA TYR F 18 4.55 -16.04 2.18
C TYR F 18 3.16 -15.93 1.56
N ILE F 19 2.76 -14.71 1.18
CA ILE F 19 1.41 -14.49 0.58
C ILE F 19 1.36 -15.27 -0.74
N VAL F 20 2.49 -15.33 -1.45
CA VAL F 20 2.54 -16.05 -2.71
C VAL F 20 2.31 -17.55 -2.49
N MET F 21 2.94 -18.13 -1.46
CA MET F 21 2.63 -19.54 -1.22
C MET F 21 1.32 -19.77 -0.46
N SER F 22 0.66 -18.73 0.04
CA SER F 22 -0.55 -18.95 0.81
C SER F 22 -1.71 -19.36 -0.10
N ASN F 23 -2.49 -20.35 0.35
CA ASN F 23 -3.72 -20.75 -0.32
C ASN F 23 -3.47 -21.17 -1.77
N TRP F 24 -2.77 -22.30 -1.90
CA TRP F 24 -2.55 -22.90 -3.21
C TRP F 24 -3.89 -23.09 -3.93
N THR F 25 -3.88 -22.83 -5.24
CA THR F 25 -5.09 -22.82 -6.06
C THR F 25 -6.15 -21.89 -5.48
N GLY F 26 -5.70 -20.72 -5.01
CA GLY F 26 -6.59 -19.75 -4.41
C GLY F 26 -7.26 -18.88 -5.45
N GLY F 27 -7.94 -17.85 -4.97
CA GLY F 27 -8.69 -16.96 -5.82
C GLY F 27 -7.79 -16.00 -6.58
N ALA F 28 -8.43 -15.18 -7.41
CA ALA F 28 -7.72 -14.19 -8.21
C ALA F 28 -7.25 -13.00 -7.39
N LEU F 29 -7.77 -12.86 -6.18
CA LEU F 29 -7.42 -11.70 -5.33
C LEU F 29 -5.97 -11.87 -4.86
N LEU F 30 -5.48 -13.11 -4.79
CA LEU F 30 -4.12 -13.40 -4.28
C LEU F 30 -3.08 -12.70 -5.17
N VAL F 31 -3.29 -12.72 -6.49
CA VAL F 31 -2.38 -12.03 -7.39
C VAL F 31 -2.31 -10.56 -7.06
N LEU F 32 -3.46 -9.95 -6.76
CA LEU F 32 -3.48 -8.53 -6.44
C LEU F 32 -2.77 -8.25 -5.11
N TYR F 33 -2.93 -9.16 -4.14
CA TYR F 33 -2.26 -8.98 -2.82
C TYR F 33 -0.74 -9.07 -3.03
N SER F 34 -0.28 -10.03 -3.84
CA SER F 34 1.15 -10.18 -4.11
C SER F 34 1.68 -8.97 -4.88
N PHE F 35 0.91 -8.49 -5.84
CA PHE F 35 1.37 -7.33 -6.64
C PHE F 35 1.46 -6.10 -5.73
N ALA F 36 0.50 -5.90 -4.83
CA ALA F 36 0.56 -4.77 -3.90
C ALA F 36 1.80 -4.84 -3.03
N LEU F 37 2.15 -6.04 -2.58
CA LEU F 37 3.33 -6.06 -1.69
C LEU F 37 4.59 -5.89 -2.56
N MET F 38 4.53 -6.30 -3.83
CA MET F 38 5.68 -6.05 -4.74
C MET F 38 5.82 -4.53 -4.90
N LEU F 39 4.70 -3.81 -5.00
CA LEU F 39 4.74 -2.36 -5.13
C LEU F 39 5.34 -1.72 -3.87
N ILE F 40 4.99 -2.25 -2.70
CA ILE F 40 5.61 -1.78 -1.47
C ILE F 40 7.11 -2.03 -1.48
N ILE F 41 7.52 -3.23 -1.93
CA ILE F 41 8.95 -3.56 -1.99
C ILE F 41 9.67 -2.60 -2.93
N ILE F 42 9.08 -2.31 -4.08
CA ILE F 42 9.70 -1.41 -5.05
C ILE F 42 9.80 0.01 -4.48
N ILE F 43 8.77 0.45 -3.77
CA ILE F 43 8.85 1.76 -3.12
C ILE F 43 10.00 1.80 -2.12
N LEU F 44 10.16 0.72 -1.35
CA LEU F 44 11.25 0.66 -0.38
C LEU F 44 12.61 0.70 -1.08
N ILE F 45 12.74 -0.04 -2.19
CA ILE F 45 14.01 -0.06 -2.92
C ILE F 45 14.33 1.33 -3.48
N ILE F 46 13.33 2.02 -4.05
CA ILE F 46 13.56 3.40 -4.57
C ILE F 46 13.94 4.31 -3.40
N PHE F 47 13.35 4.09 -2.24
CA PHE F 47 13.73 4.88 -1.07
C PHE F 47 15.19 4.63 -0.70
N ILE F 48 15.64 3.38 -0.76
CA ILE F 48 17.00 3.04 -0.32
C ILE F 48 18.03 3.61 -1.29
N PHE F 49 17.84 3.37 -2.58
CA PHE F 49 18.81 3.73 -3.60
C PHE F 49 18.27 4.88 -4.45
N ARG F 50 19.10 5.91 -4.64
CA ARG F 50 18.74 7.10 -5.41
C ARG F 50 17.49 7.77 -4.82
N ARG F 51 17.69 8.27 -3.59
CA ARG F 51 16.60 8.91 -2.86
C ARG F 51 16.01 10.10 -3.61
N ASP F 52 16.81 10.74 -4.47
CA ASP F 52 16.32 11.89 -5.22
C ASP F 52 15.26 11.51 -6.25
N LEU F 53 15.15 10.24 -6.60
CA LEU F 53 14.20 9.77 -7.59
C LEU F 53 12.88 9.34 -6.96
N LEU F 54 12.64 9.66 -5.70
CA LEU F 54 11.41 9.26 -5.02
C LEU F 54 10.18 9.95 -5.60
N CYS F 55 10.34 11.07 -6.32
CA CYS F 55 9.16 11.77 -6.83
C CYS F 55 8.55 11.04 -8.03
N PRO F 56 9.27 10.81 -9.15
CA PRO F 56 8.63 10.12 -10.27
C PRO F 56 8.36 8.65 -10.01
N LEU F 57 9.39 7.89 -9.63
CA LEU F 57 9.23 6.42 -9.46
C LEU F 57 8.43 6.11 -8.19
N GLY F 58 8.67 6.84 -7.09
CA GLY F 58 7.85 6.63 -5.91
C GLY F 58 6.40 6.95 -6.16
N GLY F 59 6.14 8.05 -6.87
CA GLY F 59 4.78 8.37 -7.26
C GLY F 59 4.15 7.29 -8.12
N LEU F 60 4.92 6.77 -9.07
CA LEU F 60 4.41 5.70 -9.93
C LEU F 60 4.06 4.45 -9.12
N GLY F 61 4.96 4.04 -8.23
CA GLY F 61 4.69 2.87 -7.42
C GLY F 61 3.50 3.04 -6.49
N LEU F 62 3.40 4.21 -5.86
CA LEU F 62 2.27 4.47 -4.93
C LEU F 62 0.96 4.55 -5.74
N LEU F 63 1.00 5.10 -6.95
CA LEU F 63 -0.18 5.14 -7.80
C LEU F 63 -0.63 3.73 -8.19
N LEU F 64 0.33 2.87 -8.56
CA LEU F 64 -0.03 1.48 -8.85
C LEU F 64 -0.59 0.79 -7.61
N LEU F 65 -0.06 1.12 -6.43
CA LEU F 65 -0.58 0.56 -5.19
C LEU F 65 -2.04 0.97 -4.98
N MET F 66 -2.34 2.25 -5.19
CA MET F 66 -3.71 2.70 -5.06
C MET F 66 -4.62 2.02 -6.07
N ILE F 67 -4.12 1.85 -7.30
CA ILE F 67 -4.93 1.18 -8.36
C ILE F 67 -5.22 -0.25 -7.91
N THR F 68 -4.23 -0.97 -7.37
CA THR F 68 -4.45 -2.34 -6.94
C THR F 68 -5.43 -2.41 -5.78
N LEU F 69 -5.34 -1.49 -4.83
CA LEU F 69 -6.32 -1.48 -3.74
C LEU F 69 -7.72 -1.22 -4.27
N LEU F 70 -7.86 -0.32 -5.24
CA LEU F 70 -9.16 -0.06 -5.84
C LEU F 70 -9.70 -1.31 -6.54
N LEU F 71 -8.84 -2.03 -7.27
CA LEU F 71 -9.27 -3.24 -7.94
C LEU F 71 -9.71 -4.30 -6.93
N ILE F 72 -8.96 -4.44 -5.83
CA ILE F 72 -9.36 -5.41 -4.78
C ILE F 72 -10.75 -5.01 -4.25
N ALA F 73 -10.95 -3.71 -3.96
CA ALA F 73 -12.22 -3.28 -3.38
C ALA F 73 -13.38 -3.52 -4.34
N LEU F 74 -13.21 -3.21 -5.62
CA LEU F 74 -14.31 -3.30 -6.57
C LEU F 74 -14.41 -4.66 -7.26
N TRP F 75 -13.56 -5.63 -6.89
CA TRP F 75 -13.61 -6.92 -7.56
C TRP F 75 -14.95 -7.62 -7.35
N ASN F 76 -15.47 -7.58 -6.13
CA ASN F 76 -16.68 -8.34 -5.78
C ASN F 76 -17.96 -7.55 -5.94
N LEU F 77 -17.88 -6.27 -6.30
CA LEU F 77 -19.08 -5.45 -6.44
C LEU F 77 -19.86 -5.85 -7.69
N HIS F 78 -21.19 -5.90 -7.56
CA HIS F 78 -22.05 -6.37 -8.64
C HIS F 78 -23.22 -5.42 -8.83
N GLY F 79 -22.94 -4.11 -8.89
CA GLY F 79 -23.99 -3.13 -9.09
C GLY F 79 -23.46 -1.85 -9.70
N GLN F 80 -24.20 -0.74 -9.52
CA GLN F 80 -23.71 0.55 -9.99
C GLN F 80 -22.42 0.95 -9.30
N ALA F 81 -22.18 0.44 -8.09
CA ALA F 81 -20.90 0.69 -7.43
C ALA F 81 -19.75 0.11 -8.24
N LEU F 82 -19.96 -1.05 -8.86
CA LEU F 82 -18.92 -1.63 -9.71
C LEU F 82 -18.60 -0.73 -10.89
N TYR F 83 -19.64 -0.18 -11.53
CA TYR F 83 -19.41 0.71 -12.67
C TYR F 83 -18.70 1.99 -12.23
N LEU F 84 -19.09 2.53 -11.08
CA LEU F 84 -18.45 3.75 -10.59
C LEU F 84 -16.99 3.50 -10.25
N GLY F 85 -16.70 2.37 -9.61
CA GLY F 85 -15.31 2.00 -9.36
C GLY F 85 -14.53 1.77 -10.63
N ILE F 86 -15.19 1.22 -11.66
CA ILE F 86 -14.55 1.07 -12.95
C ILE F 86 -14.17 2.43 -13.52
N VAL F 87 -15.06 3.42 -13.34
CA VAL F 87 -14.79 4.79 -13.89
C VAL F 87 -13.64 5.43 -13.10
N LEU F 88 -13.56 5.17 -11.78
CA LEU F 88 -12.43 5.68 -11.00
C LEU F 88 -11.12 4.99 -11.39
N PHE F 89 -11.19 3.68 -11.64
CA PHE F 89 -10.00 2.96 -12.09
C PHE F 89 -9.55 3.42 -13.47
N ILE F 90 -10.51 3.82 -14.31
CA ILE F 90 -10.17 4.36 -15.64
C ILE F 90 -9.42 5.67 -15.43
N PHE F 91 -9.92 6.53 -14.53
CA PHE F 91 -9.23 7.79 -14.25
C PHE F 91 -7.81 7.53 -13.75
N GLY F 92 -7.66 6.58 -12.83
CA GLY F 92 -6.33 6.23 -12.36
C GLY F 92 -5.43 5.71 -13.46
N CYS F 93 -6.00 4.94 -14.39
CA CYS F 93 -5.22 4.34 -15.51
C CYS F 93 -4.78 5.44 -16.48
N LEU F 94 -5.64 6.40 -16.78
CA LEU F 94 -5.24 7.53 -17.61
C LEU F 94 -4.16 8.36 -16.94
N LEU F 95 -4.28 8.57 -15.62
CA LEU F 95 -3.29 9.42 -14.96
C LEU F 95 -1.96 8.69 -14.80
N VAL F 96 -1.96 7.36 -14.66
CA VAL F 96 -0.70 6.64 -14.59
C VAL F 96 -0.03 6.60 -15.96
N LEU F 97 -0.83 6.60 -17.02
CA LEU F 97 -0.24 6.67 -18.38
C LEU F 97 0.36 8.08 -18.53
N GLY F 98 -0.31 9.10 -18.00
CA GLY F 98 0.23 10.45 -18.05
C GLY F 98 1.54 10.58 -17.30
N LEU F 99 1.61 10.00 -16.10
CA LEU F 99 2.85 10.04 -15.34
C LEU F 99 3.97 9.27 -16.02
N TRP F 100 3.63 8.14 -16.64
CA TRP F 100 4.63 7.39 -17.39
C TRP F 100 5.14 8.19 -18.58
N ILE F 101 4.25 8.91 -19.26
CA ILE F 101 4.66 9.77 -20.37
C ILE F 101 5.58 10.87 -19.86
N TYR F 102 5.25 11.46 -18.71
CA TYR F 102 6.11 12.49 -18.13
C TYR F 102 7.50 11.95 -17.79
N PHE F 103 7.54 10.77 -17.18
CA PHE F 103 8.82 10.16 -16.85
C PHE F 103 9.62 9.82 -18.10
N LEU F 104 8.90 9.36 -19.12
CA LEU F 104 9.55 9.03 -20.41
C LEU F 104 10.15 10.30 -21.02
N GLU F 105 9.41 11.42 -20.96
CA GLU F 105 9.90 12.68 -21.50
C GLU F 105 11.12 13.16 -20.73
N ILE F 106 11.12 12.99 -19.41
CA ILE F 106 12.32 13.35 -18.63
C ILE F 106 13.50 12.49 -19.05
N LEU F 107 13.28 11.19 -19.25
CA LEU F 107 14.35 10.31 -19.69
C LEU F 107 14.88 10.71 -21.06
N TRP F 108 13.99 11.07 -21.98
CA TRP F 108 14.41 11.53 -23.31
C TRP F 108 15.19 12.83 -23.21
N ARG F 109 14.76 13.74 -22.34
CA ARG F 109 15.50 14.98 -22.13
C ARG F 109 16.89 14.70 -21.55
N LEU F 110 17.02 13.62 -20.76
CA LEU F 110 18.34 13.25 -20.26
C LEU F 110 19.28 12.89 -21.40
N GLY F 111 18.75 12.36 -22.50
CA GLY F 111 19.57 12.08 -23.66
C GLY F 111 19.63 10.63 -24.07
N ALA F 112 18.60 9.86 -23.75
CA ALA F 112 18.54 8.46 -24.14
C ALA F 112 18.13 8.34 -25.60
N THR F 113 18.56 7.24 -26.23
CA THR F 113 18.23 7.01 -27.62
C THR F 113 16.76 6.61 -27.77
N ILE F 114 16.26 6.72 -29.01
CA ILE F 114 14.87 6.35 -29.27
C ILE F 114 14.67 4.85 -29.10
N TRP F 115 15.71 4.05 -29.38
CA TRP F 115 15.59 2.61 -29.20
C TRP F 115 15.35 2.25 -27.74
N GLN F 116 16.05 2.93 -26.82
CA GLN F 116 15.82 2.69 -25.40
C GLN F 116 14.42 3.12 -24.98
N LEU F 117 13.93 4.23 -25.53
CA LEU F 117 12.57 4.68 -25.25
C LEU F 117 11.55 3.63 -25.68
N LEU F 118 11.70 3.11 -26.91
CA LEU F 118 10.78 2.09 -27.39
C LEU F 118 10.90 0.82 -26.56
N ALA F 119 12.12 0.47 -26.16
CA ALA F 119 12.31 -0.71 -25.33
C ALA F 119 11.60 -0.56 -23.99
N PHE F 120 11.69 0.62 -23.38
CA PHE F 120 11.01 0.84 -22.11
C PHE F 120 9.49 0.80 -22.26
N ILE F 121 8.97 1.40 -23.34
CA ILE F 121 7.52 1.34 -23.56
C ILE F 121 7.06 -0.10 -23.74
N LEU F 122 7.78 -0.87 -24.57
CA LEU F 122 7.41 -2.26 -24.77
C LEU F 122 7.54 -3.06 -23.48
N ALA F 123 8.56 -2.77 -22.66
CA ALA F 123 8.73 -3.47 -21.39
C ALA F 123 7.56 -3.19 -20.45
N PHE F 124 7.16 -1.91 -20.34
CA PHE F 124 6.06 -1.58 -19.44
C PHE F 124 4.75 -2.19 -19.92
N PHE F 125 4.46 -2.11 -21.22
CA PHE F 125 3.22 -2.69 -21.72
C PHE F 125 3.24 -4.21 -21.63
N LEU F 126 4.40 -4.82 -21.83
CA LEU F 126 4.53 -6.27 -21.65
C LEU F 126 4.30 -6.64 -20.19
N ALA F 127 4.79 -5.81 -19.26
CA ALA F 127 4.53 -6.07 -17.85
C ALA F 127 3.05 -5.96 -17.52
N ILE F 128 2.35 -4.99 -18.12
CA ILE F 128 0.91 -4.85 -17.88
C ILE F 128 0.17 -6.06 -18.43
N ILE F 129 0.52 -6.50 -19.65
CA ILE F 129 -0.09 -7.69 -20.23
C ILE F 129 0.22 -8.91 -19.38
N LEU F 130 1.44 -8.97 -18.84
CA LEU F 130 1.85 -10.07 -17.98
C LEU F 130 1.01 -10.12 -16.71
N LEU F 131 0.75 -8.95 -16.12
CA LEU F 131 -0.11 -8.90 -14.93
C LEU F 131 -1.54 -9.29 -15.27
N ILE F 132 -2.02 -8.90 -16.46
CA ILE F 132 -3.35 -9.32 -16.87
C ILE F 132 -3.43 -10.84 -16.97
N ILE F 133 -2.41 -11.45 -17.56
CA ILE F 133 -2.36 -12.91 -17.66
C ILE F 133 -2.31 -13.53 -16.28
N ALA F 134 -1.57 -12.90 -15.35
CA ALA F 134 -1.48 -13.41 -13.96
C ALA F 134 -2.85 -13.34 -13.30
N LEU F 135 -3.60 -12.28 -13.54
CA LEU F 135 -4.96 -12.20 -13.01
C LEU F 135 -5.84 -13.29 -13.60
N TYR F 136 -5.71 -13.55 -14.90
CA TYR F 136 -6.55 -14.58 -15.52
C TYR F 136 -6.19 -15.97 -15.00
N LEU F 137 -4.90 -16.24 -14.77
CA LEU F 137 -4.43 -17.54 -14.30
C LEU F 137 -4.16 -17.44 -12.79
N GLN F 138 -5.07 -17.99 -11.99
CA GLN F 138 -4.93 -17.92 -10.54
C GLN F 138 -3.74 -18.70 -10.00
N GLN F 139 -2.96 -19.31 -10.91
CA GLN F 139 -1.80 -20.17 -10.53
C GLN F 139 -0.68 -19.36 -9.88
N ASN F 140 0.00 -19.93 -8.87
CA ASN F 140 1.02 -19.21 -8.11
C ASN F 140 2.39 -19.24 -8.78
N TRP F 141 2.73 -20.32 -9.48
CA TRP F 141 4.01 -20.37 -10.18
C TRP F 141 4.15 -19.27 -11.20
N TRP F 142 3.04 -18.80 -11.77
CA TRP F 142 3.05 -17.69 -12.70
C TRP F 142 2.99 -16.34 -11.99
N THR F 143 2.29 -16.26 -10.86
CA THR F 143 2.28 -15.02 -10.08
C THR F 143 3.67 -14.67 -9.58
N LEU F 144 4.42 -15.68 -9.13
CA LEU F 144 5.80 -15.44 -8.72
C LEU F 144 6.63 -14.85 -9.85
N LEU F 145 6.51 -15.43 -11.05
CA LEU F 145 7.28 -14.93 -12.19
C LEU F 145 6.86 -13.51 -12.55
N VAL F 146 5.54 -13.25 -12.57
CA VAL F 146 5.04 -11.88 -12.92
C VAL F 146 5.65 -10.90 -11.93
N ASP F 147 5.48 -11.18 -10.65
CA ASP F 147 5.94 -10.24 -9.63
C ASP F 147 7.45 -10.02 -9.72
N LEU F 148 8.22 -11.08 -9.94
CA LEU F 148 9.67 -10.91 -10.01
C LEU F 148 10.08 -10.17 -11.28
N LEU F 149 9.36 -10.37 -12.39
CA LEU F 149 9.67 -9.60 -13.60
C LEU F 149 9.29 -8.14 -13.42
N TRP F 150 8.21 -7.85 -12.70
CA TRP F 150 7.92 -6.45 -12.36
C TRP F 150 9.03 -5.86 -11.50
N LEU F 151 9.52 -6.63 -10.54
CA LEU F 151 10.64 -6.16 -9.71
C LEU F 151 11.87 -5.89 -10.56
N LEU F 152 12.18 -6.77 -11.51
CA LEU F 152 13.32 -6.56 -12.38
C LEU F 152 13.12 -5.32 -13.25
N LEU F 153 11.91 -5.12 -13.76
CA LEU F 153 11.64 -3.93 -14.58
C LEU F 153 11.83 -2.65 -13.78
N PHE F 154 11.34 -2.62 -12.55
CA PHE F 154 11.48 -1.41 -11.75
C PHE F 154 12.85 -1.30 -11.09
N MET F 155 13.67 -2.35 -11.14
CA MET F 155 15.04 -2.29 -10.65
C MET F 155 16.03 -1.89 -11.73
N ALA F 156 15.77 -2.25 -12.99
CA ALA F 156 16.62 -1.80 -14.09
C ALA F 156 16.59 -0.28 -14.20
N ILE F 157 15.40 0.31 -14.11
CA ILE F 157 15.30 1.75 -13.93
C ILE F 157 15.84 2.12 -12.56
N LEU F 158 16.35 3.35 -12.44
CA LEU F 158 17.04 3.88 -11.26
C LEU F 158 18.44 3.29 -11.18
N ILE F 159 18.75 2.34 -12.06
CA ILE F 159 20.11 1.93 -12.32
C ILE F 159 20.59 2.45 -13.67
N TRP F 160 19.69 2.66 -14.64
CA TRP F 160 20.06 3.29 -15.90
C TRP F 160 20.62 4.69 -15.65
N MET F 161 20.04 5.43 -14.72
CA MET F 161 20.53 6.75 -14.37
C MET F 161 21.59 6.67 -13.27
#